data_6D7G
#
_entry.id   6D7G
#
_cell.length_a   123.953
_cell.length_b   123.953
_cell.length_c   154.156
_cell.angle_alpha   90.00
_cell.angle_beta   90.00
_cell.angle_gamma   120.00
#
_symmetry.space_group_name_H-M   'P 62'
#
loop_
_entity.id
_entity.type
_entity.pdbx_description
1 polymer 'MART1 PEPTIDE-BETA-2-MICROGLOBULIN-HLA-A*02 CHIMERA'
2 polymer 'TRA@ protein'
3 polymer 'T-CELL RECEPTOR GAMMA VARIABLE 8,T-CELL RECEPTOR GAMMA-2 CHAIN C REGION'
4 non-polymer 2-acetamido-2-deoxy-beta-D-glucopyranose
5 water water
#
loop_
_entity_poly.entity_id
_entity_poly.type
_entity_poly.pdbx_seq_one_letter_code
_entity_poly.pdbx_strand_id
1 'polypeptide(L)'
;ELAGIGILTVGGGGSGGGGSGGGGSIQRTPKIQVYSRHPAENGKSNFLNCYVSGFHPSDIEVDLLKNGERIEKVEHSDLS
FSKDWSFYLLYYTEFTPTEKDEYACRVNHVTLSQPKIVKWDRDMGGGGSGGGGSGGGGSGGGGSGSHSMRYFFTSVSRPG
RGEPRFIAVGYVDDTQFVRFDSDAASQRMEPRAPWIEQEGPEYWDGETRKVKAHSQTHRVDLGTLRGYYNQSEAGSHTVQ
RMYGCDVGSDWRFLRGYHQYAYDGKDYIALKEDLRSWTAADMAAQTTKHKWEAAHVAEQLRAYLEGTCVEWLRRYLENGK
ETLQRTDAPKTHMTHHAVSDHEATLRCWALSFYPAEITLTWQRDGEDQTQDTELVETRPAGDGTFQKWAAVVVPSGQEQR
YTCHVQHEGLPKPLTLRWEHHHHHHHH
;
A
2 'polypeptide(L)'
;ADPAQKVTQAQSSVSMPVRKAVTLNCLYETSWWSYYIFWYKQLPSKEMIFLIRQGSDEQNAKSGRYSVNFKKAAKSVALT
ISALQLEDSAKYFCALGELGWDTDKLIFGKGTRVTVEPRSQPHTKPSVFVMKNGTNVACLVKEFYPKDIRINLVSSKKIT
EFDPAIVISPSGKYNAVKLGKYEDSNSVTCSVQHDNKTVHSTDFEVKTDSTDHVKPKETENTKQPSKSC
;
D
3 'polypeptide(L)'
;ADLSSNLEGRTKSVTRPTGSSAVITCDLPVENAVYTHWYLHQEGKAPQRLLYYDSYNSRVVLESGISREKYHTYASTGKS
LKFILENLIERDSGVYYCATWASSDWIKTFAKGTRLIVTSPDKQLDADVSPKPTIFLPSIAETKLQKAGTYLCLLEKFFP
DIIKIHWQEKKSNTILGSQEGNTMKTNDTYMKFSWLTVPEESLDKEHRCIVRHENNKNGIDQEIIFPPIKTDVTTVDPKY
NYSKDANDVITMDPKDNC
;
E
#
# COMPACT_ATOMS: atom_id res chain seq x y z
N GLU A 1 19.95 16.79 -14.45
CA GLU A 1 19.37 16.51 -15.74
C GLU A 1 18.36 15.39 -15.66
N LEU A 2 17.13 15.70 -16.04
CA LEU A 2 16.06 14.71 -16.15
C LEU A 2 16.47 13.59 -17.08
N ALA A 3 15.90 12.41 -16.84
CA ALA A 3 16.14 11.31 -17.75
C ALA A 3 15.48 11.61 -19.08
N GLY A 4 16.15 11.22 -20.17
CA GLY A 4 15.61 11.22 -21.50
C GLY A 4 15.37 9.84 -22.02
N ILE A 5 15.48 8.82 -21.18
CA ILE A 5 15.27 7.42 -21.55
C ILE A 5 14.67 6.73 -20.34
N GLY A 6 14.14 5.54 -20.56
CA GLY A 6 13.61 4.78 -19.46
C GLY A 6 12.24 5.16 -18.96
N ILE A 7 11.59 6.17 -19.50
CA ILE A 7 10.28 6.58 -19.02
C ILE A 7 9.22 6.09 -20.00
N LEU A 8 8.33 5.23 -19.53
CA LEU A 8 7.38 4.57 -20.39
C LEU A 8 6.07 4.36 -19.65
N THR A 9 4.96 4.42 -20.38
CA THR A 9 3.63 4.27 -19.79
C THR A 9 3.45 2.88 -19.22
N VAL A 10 2.51 2.76 -18.27
CA VAL A 10 2.32 1.51 -17.55
C VAL A 10 1.52 0.43 -18.31
N GLY A 24 -9.14 2.33 -3.65
CA GLY A 24 -8.82 3.14 -2.48
C GLY A 24 -7.70 4.14 -2.69
N SER A 25 -7.39 4.92 -1.65
CA SER A 25 -6.34 5.93 -1.76
C SER A 25 -5.57 6.14 -0.45
N ILE A 26 -5.60 5.16 0.46
CA ILE A 26 -4.84 5.13 1.72
C ILE A 26 -4.58 6.54 2.26
N GLN A 27 -5.61 7.14 2.82
CA GLN A 27 -5.53 8.53 3.21
C GLN A 27 -4.73 8.66 4.50
N ARG A 28 -3.96 9.74 4.61
CA ARG A 28 -3.10 9.93 5.75
C ARG A 28 -3.11 11.39 6.15
N THR A 29 -3.12 11.64 7.44
CA THR A 29 -3.38 12.95 8.00
C THR A 29 -2.10 13.77 8.05
N PRO A 30 -2.18 15.06 7.75
CA PRO A 30 -1.02 15.92 7.92
C PRO A 30 -0.62 16.05 9.38
N LYS A 31 0.67 15.91 9.62
CA LYS A 31 1.33 16.42 10.82
C LYS A 31 1.73 17.88 10.57
N ILE A 32 1.63 18.69 11.62
CA ILE A 32 1.67 20.14 11.50
C ILE A 32 2.62 20.70 12.53
N GLN A 33 3.58 21.48 12.08
CA GLN A 33 4.53 22.14 12.96
C GLN A 33 4.53 23.62 12.65
N VAL A 34 4.45 24.43 13.69
CA VAL A 34 4.49 25.88 13.56
C VAL A 34 5.70 26.36 14.35
N TYR A 35 6.60 27.08 13.70
CA TYR A 35 7.86 27.41 14.36
C TYR A 35 8.50 28.56 13.62
N SER A 36 9.52 29.13 14.23
CA SER A 36 10.21 30.25 13.62
C SER A 36 11.54 29.78 13.07
N ARG A 37 11.98 30.42 11.98
CA ARG A 37 13.25 30.07 11.37
C ARG A 37 14.38 30.18 12.37
N HIS A 38 14.41 31.27 13.12
CA HIS A 38 15.45 31.58 14.09
C HIS A 38 14.82 31.68 15.46
N PRO A 39 15.63 31.56 16.53
CA PRO A 39 15.11 31.86 17.86
C PRO A 39 14.40 33.20 17.85
N ALA A 40 13.18 33.20 18.38
CA ALA A 40 12.35 34.39 18.31
C ALA A 40 12.85 35.44 19.29
N GLU A 41 13.05 36.65 18.78
CA GLU A 41 13.33 37.80 19.62
C GLU A 41 12.39 38.91 19.18
N ASN A 42 11.63 39.44 20.13
CA ASN A 42 10.64 40.46 19.81
C ASN A 42 11.32 41.67 19.17
N GLY A 43 10.76 42.15 18.06
CA GLY A 43 11.26 43.32 17.38
C GLY A 43 12.35 43.06 16.36
N LYS A 44 12.84 41.82 16.25
CA LYS A 44 13.83 41.45 15.24
C LYS A 44 13.15 40.58 14.20
N SER A 45 13.45 40.84 12.93
CA SER A 45 12.72 40.19 11.85
C SER A 45 13.10 38.71 11.76
N ASN A 46 12.12 37.89 11.37
CA ASN A 46 12.23 36.44 11.38
C ASN A 46 11.30 35.89 10.30
N PHE A 47 11.17 34.57 10.26
CA PHE A 47 10.18 33.91 9.43
C PHE A 47 9.36 32.93 10.26
N LEU A 48 8.06 32.92 9.99
CA LEU A 48 7.15 31.96 10.60
C LEU A 48 6.85 30.87 9.58
N ASN A 49 7.01 29.63 10.03
CA ASN A 49 6.94 28.43 9.22
C ASN A 49 5.80 27.55 9.70
N CYS A 50 5.03 27.05 8.76
CA CYS A 50 4.10 25.95 8.96
C CYS A 50 4.56 24.80 8.06
N TYR A 51 5.08 23.76 8.66
CA TYR A 51 5.52 22.58 7.94
C TYR A 51 4.44 21.53 8.10
N VAL A 52 3.86 21.09 6.99
CA VAL A 52 2.83 20.08 7.00
C VAL A 52 3.38 18.88 6.26
N SER A 53 3.32 17.72 6.87
CA SER A 53 3.97 16.57 6.27
C SER A 53 3.17 15.32 6.57
N GLY A 54 3.46 14.27 5.81
CA GLY A 54 2.88 12.98 6.11
C GLY A 54 1.49 12.75 5.60
N PHE A 55 0.98 13.60 4.73
CA PHE A 55 -0.41 13.56 4.33
C PHE A 55 -0.60 13.00 2.92
N HIS A 56 -1.77 12.42 2.71
CA HIS A 56 -2.21 11.90 1.44
C HIS A 56 -3.71 11.85 1.46
N PRO A 57 -4.36 12.32 0.38
CA PRO A 57 -3.78 12.87 -0.85
C PRO A 57 -3.32 14.32 -0.74
N SER A 58 -3.06 14.95 -1.85
CA SER A 58 -2.29 16.18 -1.88
C SER A 58 -3.12 17.44 -1.80
N ASP A 59 -4.42 17.36 -2.05
CA ASP A 59 -5.26 18.55 -1.93
C ASP A 59 -5.26 18.96 -0.47
N ILE A 60 -4.71 20.12 -0.18
CA ILE A 60 -4.64 20.61 1.18
C ILE A 60 -4.81 22.12 1.14
N GLU A 61 -5.39 22.67 2.19
CA GLU A 61 -5.56 24.10 2.33
C GLU A 61 -4.80 24.54 3.56
N VAL A 62 -3.81 25.40 3.39
CA VAL A 62 -3.01 25.86 4.50
C VAL A 62 -3.00 27.38 4.49
N ASP A 63 -3.38 27.98 5.63
CA ASP A 63 -3.34 29.41 5.84
C ASP A 63 -2.57 29.71 7.11
N LEU A 64 -1.88 30.84 7.13
CA LEU A 64 -1.26 31.32 8.35
C LEU A 64 -2.12 32.45 8.92
N LEU A 65 -2.31 32.43 10.23
CA LEU A 65 -3.14 33.40 10.91
C LEU A 65 -2.31 34.23 11.88
N LYS A 66 -2.58 35.53 11.90
CA LYS A 66 -2.05 36.46 12.90
C LYS A 66 -3.23 37.06 13.64
N ASN A 67 -3.28 36.82 14.95
CA ASN A 67 -4.41 37.24 15.78
C ASN A 67 -5.73 36.80 15.16
N GLY A 68 -5.73 35.60 14.58
CA GLY A 68 -6.92 35.03 13.99
C GLY A 68 -7.14 35.35 12.53
N GLU A 69 -6.38 36.26 11.93
CA GLU A 69 -6.62 36.72 10.58
C GLU A 69 -5.60 36.14 9.59
N ARG A 70 -6.08 35.79 8.40
CA ARG A 70 -5.24 35.22 7.36
C ARG A 70 -4.18 36.21 6.91
N ILE A 71 -2.91 35.80 6.96
CA ILE A 71 -1.86 36.63 6.38
C ILE A 71 -1.93 36.51 4.86
N GLU A 72 -1.89 37.65 4.17
CA GLU A 72 -2.14 37.64 2.72
C GLU A 72 -0.90 37.23 1.94
N LYS A 73 0.29 37.69 2.37
CA LYS A 73 1.53 37.44 1.64
C LYS A 73 2.15 36.15 2.15
N VAL A 74 1.83 35.04 1.48
CA VAL A 74 2.22 33.71 1.92
C VAL A 74 2.81 32.94 0.73
N GLU A 75 4.03 32.44 0.89
CA GLU A 75 4.66 31.58 -0.09
C GLU A 75 4.66 30.14 0.41
N HIS A 76 4.82 29.21 -0.53
CA HIS A 76 4.95 27.81 -0.16
C HIS A 76 5.98 27.15 -1.05
N SER A 77 6.55 26.07 -0.54
CA SER A 77 7.47 25.24 -1.29
C SER A 77 6.70 24.44 -2.35
N ASP A 78 7.45 23.82 -3.24
CA ASP A 78 6.84 22.97 -4.25
C ASP A 78 6.54 21.58 -3.68
N LEU A 79 5.44 21.00 -4.14
CA LEU A 79 4.99 19.72 -3.64
C LEU A 79 6.04 18.64 -3.82
N SER A 80 6.37 17.96 -2.74
CA SER A 80 7.28 16.83 -2.79
C SER A 80 6.78 15.81 -1.80
N PHE A 81 7.43 14.65 -1.76
CA PHE A 81 6.94 13.54 -0.94
C PHE A 81 8.07 12.68 -0.41
N SER A 82 7.75 11.89 0.62
CA SER A 82 8.68 11.05 1.35
C SER A 82 8.70 9.61 0.83
N LYS A 83 9.46 8.74 1.51
CA LYS A 83 9.64 7.37 1.02
C LYS A 83 8.35 6.56 1.08
N ASP A 84 7.40 6.94 1.95
CA ASP A 84 6.11 6.27 1.99
C ASP A 84 5.09 6.94 1.11
N TRP A 85 5.54 7.83 0.23
CA TRP A 85 4.81 8.54 -0.79
C TRP A 85 4.00 9.69 -0.23
N SER A 86 4.01 9.95 1.07
CA SER A 86 3.23 11.03 1.65
C SER A 86 3.87 12.38 1.37
N PHE A 87 3.06 13.42 1.32
CA PHE A 87 3.53 14.70 0.83
C PHE A 87 4.04 15.57 1.96
N TYR A 88 4.81 16.59 1.61
CA TYR A 88 5.12 17.64 2.57
C TYR A 88 5.19 19.00 1.87
N LEU A 89 4.81 20.04 2.62
CA LEU A 89 4.92 21.41 2.17
C LEU A 89 5.36 22.32 3.31
N LEU A 90 6.11 23.35 2.98
CA LEU A 90 6.45 24.42 3.90
C LEU A 90 5.75 25.69 3.48
N TYR A 91 5.03 26.30 4.41
CA TYR A 91 4.44 27.62 4.24
C TYR A 91 5.19 28.59 5.14
N TYR A 92 5.52 29.76 4.63
CA TYR A 92 6.36 30.62 5.45
C TYR A 92 6.09 32.06 5.09
N THR A 93 6.32 32.94 6.06
CA THR A 93 6.23 34.35 5.78
C THR A 93 7.19 35.11 6.67
N GLU A 94 7.67 36.24 6.17
CA GLU A 94 8.47 37.16 6.97
C GLU A 94 7.58 37.81 8.02
N PHE A 95 8.11 37.92 9.24
CA PHE A 95 7.31 38.48 10.32
C PHE A 95 8.23 38.93 11.43
N THR A 96 7.73 39.84 12.25
CA THR A 96 8.47 40.32 13.41
C THR A 96 7.66 40.04 14.67
N PRO A 97 8.17 39.22 15.57
CA PRO A 97 7.38 38.84 16.74
C PRO A 97 7.21 39.97 17.73
N THR A 98 6.08 39.94 18.44
CA THR A 98 5.74 40.87 19.51
C THR A 98 5.28 40.08 20.71
N GLU A 99 5.09 40.77 21.83
CA GLU A 99 4.63 40.09 23.03
C GLU A 99 3.16 39.75 22.95
N LYS A 100 2.35 40.60 22.32
CA LYS A 100 0.91 40.41 22.36
C LYS A 100 0.41 39.50 21.25
N ASP A 101 0.95 39.60 20.03
CA ASP A 101 0.33 38.93 18.90
C ASP A 101 0.50 37.42 18.97
N GLU A 102 -0.60 36.72 18.67
CA GLU A 102 -0.66 35.26 18.64
C GLU A 102 -0.68 34.80 17.19
N TYR A 103 0.10 33.79 16.87
CA TYR A 103 0.16 33.28 15.51
C TYR A 103 -0.28 31.82 15.46
N ALA A 104 -0.79 31.41 14.31
CA ALA A 104 -1.28 30.05 14.18
C ALA A 104 -1.21 29.62 12.72
N CYS A 105 -1.42 28.33 12.50
CA CYS A 105 -1.53 27.75 11.18
C CYS A 105 -2.85 27.00 11.11
N ARG A 106 -3.58 27.16 10.02
CA ARG A 106 -4.89 26.54 9.85
C ARG A 106 -4.88 25.66 8.60
N VAL A 107 -5.24 24.39 8.77
CA VAL A 107 -5.05 23.36 7.76
C VAL A 107 -6.36 22.62 7.52
N ASN A 108 -6.69 22.35 6.26
CA ASN A 108 -7.83 21.51 5.95
C ASN A 108 -7.47 20.44 4.92
N HIS A 109 -8.08 19.27 5.11
CA HIS A 109 -7.70 18.06 4.39
C HIS A 109 -8.80 17.03 4.54
N VAL A 110 -8.95 16.20 3.52
CA VAL A 110 -9.96 15.15 3.50
C VAL A 110 -10.01 14.40 4.83
N THR A 111 -8.86 14.18 5.45
CA THR A 111 -8.69 13.35 6.62
C THR A 111 -9.03 14.10 7.90
N LEU A 112 -9.37 15.38 7.79
CA LEU A 112 -9.71 16.22 8.92
C LEU A 112 -11.19 16.58 8.83
N SER A 113 -11.93 16.38 9.93
CA SER A 113 -13.35 16.72 9.97
C SER A 113 -13.59 18.22 10.07
N GLN A 114 -12.63 18.97 10.59
CA GLN A 114 -12.68 20.43 10.63
C GLN A 114 -11.26 20.95 10.48
N PRO A 115 -11.09 22.16 9.97
CA PRO A 115 -9.74 22.75 9.90
C PRO A 115 -9.04 22.72 11.24
N LYS A 116 -7.77 22.30 11.24
CA LYS A 116 -6.96 22.25 12.45
C LYS A 116 -6.17 23.55 12.56
N ILE A 117 -6.33 24.26 13.67
CA ILE A 117 -5.53 25.42 14.01
C ILE A 117 -4.47 24.98 15.01
N VAL A 118 -3.21 25.22 14.68
CA VAL A 118 -2.10 24.93 15.58
C VAL A 118 -1.47 26.27 15.96
N LYS A 119 -1.30 26.48 17.26
CA LYS A 119 -0.83 27.76 17.75
C LYS A 119 0.68 27.81 17.76
N TRP A 120 1.24 28.99 17.49
CA TRP A 120 2.68 29.20 17.64
C TRP A 120 3.02 29.31 19.13
N ASP A 121 4.02 28.55 19.57
CA ASP A 121 4.50 28.59 20.95
C ASP A 121 5.92 29.12 20.96
N ARG A 122 6.12 30.32 21.50
CA ARG A 122 7.43 30.94 21.41
C ARG A 122 8.47 30.22 22.25
N ASP A 123 8.06 29.40 23.22
CA ASP A 123 9.01 28.58 23.96
C ASP A 123 8.36 27.33 24.54
N GLY A 145 30.79 12.91 2.46
CA GLY A 145 30.72 11.46 2.57
C GLY A 145 29.96 10.75 1.46
N SER A 146 28.97 11.42 0.87
CA SER A 146 28.14 10.88 -0.20
C SER A 146 27.18 11.96 -0.70
N HIS A 147 26.74 11.89 -1.96
CA HIS A 147 25.78 12.86 -2.49
C HIS A 147 24.78 12.15 -3.40
N SER A 148 23.65 12.83 -3.65
CA SER A 148 22.61 12.24 -4.48
C SER A 148 21.90 13.31 -5.29
N MET A 149 21.40 12.90 -6.45
CA MET A 149 20.50 13.72 -7.24
C MET A 149 19.19 12.98 -7.42
N ARG A 150 18.08 13.70 -7.17
CA ARG A 150 16.76 13.08 -7.10
C ARG A 150 15.70 13.92 -7.79
N TYR A 151 14.84 13.27 -8.54
CA TYR A 151 13.69 13.92 -9.16
C TYR A 151 12.38 13.31 -8.64
N PHE A 152 11.46 14.18 -8.25
CA PHE A 152 10.13 13.83 -7.75
C PHE A 152 9.08 14.36 -8.73
N PHE A 153 8.06 13.54 -8.99
CA PHE A 153 7.03 13.83 -9.97
C PHE A 153 5.69 13.43 -9.39
N THR A 154 4.73 14.35 -9.45
CA THR A 154 3.37 14.09 -8.95
C THR A 154 2.36 14.51 -10.00
N SER A 155 1.46 13.60 -10.35
CA SER A 155 0.37 13.90 -11.27
C SER A 155 -0.95 13.56 -10.60
N VAL A 156 -1.83 14.56 -10.52
CA VAL A 156 -3.10 14.50 -9.82
C VAL A 156 -4.20 14.73 -10.85
N SER A 157 -5.04 13.73 -11.07
CA SER A 157 -6.17 13.96 -11.96
C SER A 157 -7.20 14.84 -11.26
N ARG A 158 -7.74 15.79 -12.03
CA ARG A 158 -8.78 16.71 -11.57
C ARG A 158 -9.99 16.61 -12.50
N PRO A 159 -10.77 15.53 -12.39
CA PRO A 159 -11.95 15.39 -13.27
C PRO A 159 -12.88 16.58 -13.20
N GLY A 160 -13.27 17.07 -14.37
CA GLY A 160 -14.07 18.28 -14.47
C GLY A 160 -13.33 19.56 -14.12
N ARG A 161 -12.02 19.48 -13.85
CA ARG A 161 -11.23 20.67 -13.55
C ARG A 161 -10.01 20.79 -14.47
N GLY A 162 -9.95 20.02 -15.54
CA GLY A 162 -8.97 20.30 -16.58
C GLY A 162 -7.89 19.27 -16.73
N GLU A 163 -6.74 19.68 -17.24
CA GLU A 163 -5.59 18.79 -17.32
C GLU A 163 -5.19 18.35 -15.93
N PRO A 164 -4.64 17.15 -15.78
CA PRO A 164 -4.09 16.74 -14.48
C PRO A 164 -3.02 17.70 -14.02
N ARG A 165 -3.02 17.98 -12.74
CA ARG A 165 -1.94 18.74 -12.13
C ARG A 165 -0.65 17.93 -12.13
N PHE A 166 0.44 18.55 -12.57
CA PHE A 166 1.74 17.90 -12.62
C PHE A 166 2.76 18.83 -12.00
N ILE A 167 3.53 18.31 -11.03
CA ILE A 167 4.57 19.04 -10.35
C ILE A 167 5.83 18.18 -10.30
N ALA A 168 6.93 18.72 -10.80
CA ALA A 168 8.20 18.06 -10.84
C ALA A 168 9.16 18.92 -10.05
N VAL A 169 9.96 18.30 -9.19
CA VAL A 169 11.00 19.00 -8.46
C VAL A 169 12.30 18.19 -8.52
N GLY A 170 13.41 18.89 -8.56
CA GLY A 170 14.72 18.28 -8.57
C GLY A 170 15.50 18.71 -7.34
N TYR A 171 16.18 17.77 -6.71
CA TYR A 171 17.03 18.00 -5.56
C TYR A 171 18.44 17.52 -5.86
N VAL A 172 19.42 18.20 -5.29
CA VAL A 172 20.74 17.66 -5.02
C VAL A 172 20.86 17.57 -3.52
N ASP A 173 21.08 16.38 -2.99
CA ASP A 173 20.93 16.15 -1.57
C ASP A 173 19.63 16.81 -1.12
N ASP A 174 19.67 17.70 -0.16
CA ASP A 174 18.44 18.26 0.39
C ASP A 174 18.17 19.66 -0.15
N THR A 175 18.69 20.00 -1.32
CA THR A 175 18.59 21.32 -1.90
C THR A 175 17.82 21.26 -3.20
N GLN A 176 16.66 21.90 -3.25
CA GLN A 176 15.92 22.02 -4.50
C GLN A 176 16.65 22.93 -5.48
N PHE A 177 16.78 22.51 -6.73
CA PHE A 177 17.40 23.39 -7.70
C PHE A 177 16.58 23.67 -8.94
N VAL A 178 15.56 22.90 -9.25
CA VAL A 178 14.77 23.12 -10.46
C VAL A 178 13.38 22.72 -10.11
N ARG A 179 12.45 23.04 -11.00
CA ARG A 179 11.07 22.80 -10.67
C ARG A 179 10.19 23.13 -11.86
N PHE A 180 9.13 22.34 -12.01
CA PHE A 180 8.09 22.54 -12.99
C PHE A 180 6.74 22.39 -12.32
N ASP A 181 5.81 23.29 -12.64
CA ASP A 181 4.46 23.22 -12.11
C ASP A 181 3.51 23.58 -13.24
N SER A 182 2.66 22.63 -13.58
CA SER A 182 1.77 22.77 -14.73
C SER A 182 0.81 23.93 -14.60
N ASP A 183 0.56 24.42 -13.38
CA ASP A 183 -0.34 25.53 -13.16
C ASP A 183 0.35 26.89 -13.22
N ALA A 184 1.66 26.92 -13.26
CA ALA A 184 2.40 28.17 -13.32
C ALA A 184 2.36 28.74 -14.73
N ALA A 185 2.84 29.98 -14.86
CA ALA A 185 2.65 30.69 -16.11
C ALA A 185 3.64 30.26 -17.18
N SER A 186 4.86 29.90 -16.79
CA SER A 186 5.93 29.77 -17.78
C SER A 186 5.78 28.52 -18.64
N GLN A 187 5.32 27.41 -18.04
CA GLN A 187 5.30 26.12 -18.72
C GLN A 187 6.71 25.73 -19.14
N ARG A 188 7.67 26.03 -18.28
CA ARG A 188 9.08 25.78 -18.49
C ARG A 188 9.67 25.23 -17.21
N MET A 189 10.76 24.49 -17.36
CA MET A 189 11.58 24.16 -16.20
C MET A 189 12.18 25.44 -15.63
N GLU A 190 12.11 25.59 -14.31
CA GLU A 190 12.52 26.83 -13.69
C GLU A 190 13.64 26.61 -12.68
N PRO A 191 14.52 27.58 -12.53
CA PRO A 191 15.57 27.46 -11.54
C PRO A 191 15.08 27.75 -10.13
N ARG A 192 15.67 27.06 -9.16
CA ARG A 192 15.40 27.27 -7.75
C ARG A 192 16.65 27.33 -6.91
N ALA A 193 17.83 27.36 -7.52
CA ALA A 193 19.09 27.50 -6.82
C ALA A 193 19.98 28.45 -7.63
N PRO A 194 20.78 29.25 -6.96
CA PRO A 194 21.63 30.21 -7.69
C PRO A 194 22.60 29.56 -8.64
N TRP A 195 23.09 28.38 -8.32
CA TRP A 195 24.15 27.78 -9.14
C TRP A 195 23.61 27.11 -10.39
N ILE A 196 22.29 26.91 -10.47
CA ILE A 196 21.74 26.39 -11.71
C ILE A 196 21.33 27.51 -12.64
N GLU A 197 21.27 28.75 -12.14
CA GLU A 197 20.80 29.87 -12.94
C GLU A 197 21.72 30.16 -14.12
N GLN A 198 22.98 29.77 -14.01
CA GLN A 198 23.99 29.98 -15.05
C GLN A 198 23.90 28.98 -16.19
N GLU A 199 22.92 28.09 -16.19
CA GLU A 199 22.86 27.12 -17.26
C GLU A 199 22.42 27.81 -18.54
N GLY A 200 22.74 27.21 -19.67
CA GLY A 200 22.44 27.85 -20.92
C GLY A 200 21.01 27.62 -21.34
N PRO A 201 20.57 28.34 -22.36
CA PRO A 201 19.22 28.11 -22.89
C PRO A 201 19.01 26.72 -23.44
N GLU A 202 20.07 26.07 -23.93
CA GLU A 202 19.95 24.67 -24.36
C GLU A 202 19.53 23.79 -23.20
N TYR A 203 20.06 24.09 -22.02
CA TYR A 203 19.66 23.39 -20.81
C TYR A 203 18.16 23.56 -20.53
N TRP A 204 17.67 24.80 -20.48
CA TRP A 204 16.28 25.02 -20.07
C TRP A 204 15.30 24.49 -21.11
N ASP A 205 15.62 24.65 -22.40
CA ASP A 205 14.80 24.02 -23.42
C ASP A 205 14.76 22.51 -23.26
N GLY A 206 15.93 21.88 -23.02
CA GLY A 206 15.96 20.43 -22.94
C GLY A 206 15.26 19.88 -21.72
N GLU A 207 15.45 20.53 -20.59
CA GLU A 207 14.73 20.07 -19.42
C GLU A 207 13.24 20.28 -19.57
N THR A 208 12.83 21.39 -20.21
CA THR A 208 11.42 21.61 -20.45
C THR A 208 10.84 20.53 -21.36
N ARG A 209 11.60 20.13 -22.37
CA ARG A 209 11.18 19.04 -23.23
C ARG A 209 10.97 17.75 -22.43
N LYS A 210 11.95 17.38 -21.61
CA LYS A 210 11.89 16.08 -20.96
C LYS A 210 10.89 16.05 -19.83
N VAL A 211 10.74 17.16 -19.12
CA VAL A 211 9.72 17.24 -18.07
C VAL A 211 8.34 17.18 -18.68
N LYS A 212 8.13 17.81 -19.85
CA LYS A 212 6.81 17.72 -20.48
C LYS A 212 6.54 16.32 -20.99
N ALA A 213 7.58 15.61 -21.42
CA ALA A 213 7.46 14.20 -21.75
C ALA A 213 7.05 13.35 -20.55
N HIS A 214 7.62 13.62 -19.37
CA HIS A 214 7.21 12.94 -18.15
C HIS A 214 5.76 13.21 -17.83
N SER A 215 5.36 14.48 -17.95
CA SER A 215 3.97 14.89 -17.77
C SER A 215 3.03 14.07 -18.63
N GLN A 216 3.24 14.07 -19.94
CA GLN A 216 2.34 13.37 -20.85
C GLN A 216 2.32 11.87 -20.59
N THR A 217 3.48 11.27 -20.27
CA THR A 217 3.50 9.88 -19.84
C THR A 217 2.57 9.65 -18.65
N HIS A 218 2.68 10.51 -17.63
CA HIS A 218 1.85 10.36 -16.43
C HIS A 218 0.37 10.54 -16.73
N ARG A 219 0.03 11.41 -17.68
CA ARG A 219 -1.37 11.64 -18.03
C ARG A 219 -1.99 10.41 -18.69
N VAL A 220 -1.28 9.84 -19.66
CA VAL A 220 -1.68 8.54 -20.18
C VAL A 220 -1.82 7.51 -19.05
N ASP A 221 -0.86 7.46 -18.11
CA ASP A 221 -0.94 6.46 -17.04
C ASP A 221 -2.17 6.66 -16.16
N LEU A 222 -2.51 7.91 -15.83
CA LEU A 222 -3.70 8.13 -15.02
C LEU A 222 -4.93 7.55 -15.71
N GLY A 223 -5.08 7.83 -17.01
CA GLY A 223 -6.20 7.27 -17.72
C GLY A 223 -6.20 5.75 -17.73
N THR A 224 -5.08 5.17 -18.11
CA THR A 224 -4.98 3.72 -18.27
C THR A 224 -5.21 3.00 -16.96
N LEU A 225 -4.50 3.44 -15.93
CA LEU A 225 -4.60 2.84 -14.61
C LEU A 225 -6.01 2.94 -14.08
N ARG A 226 -6.64 4.10 -14.28
CA ARG A 226 -8.00 4.25 -13.80
C ARG A 226 -8.94 3.32 -14.56
N GLY A 227 -8.79 3.25 -15.87
CA GLY A 227 -9.54 2.25 -16.62
C GLY A 227 -9.39 0.86 -16.05
N TYR A 228 -8.15 0.43 -15.79
CA TYR A 228 -7.92 -0.96 -15.42
C TYR A 228 -8.63 -1.31 -14.11
N TYR A 229 -8.63 -0.39 -13.16
CA TYR A 229 -9.25 -0.64 -11.86
C TYR A 229 -10.73 -0.29 -11.83
N ASN A 230 -11.29 0.09 -12.96
CA ASN A 230 -12.68 0.52 -13.05
C ASN A 230 -13.02 1.46 -11.89
N GLN A 231 -12.25 2.53 -11.79
CA GLN A 231 -12.56 3.62 -10.89
C GLN A 231 -13.39 4.67 -11.65
N SER A 232 -14.25 5.37 -10.93
CA SER A 232 -15.13 6.30 -11.60
C SER A 232 -14.34 7.47 -12.16
N GLU A 233 -14.84 8.03 -13.26
CA GLU A 233 -14.17 9.16 -13.88
C GLU A 233 -14.30 10.40 -13.03
N ALA A 234 -15.20 10.40 -12.06
CA ALA A 234 -15.38 11.61 -11.28
C ALA A 234 -14.24 11.82 -10.30
N GLY A 235 -13.60 10.74 -9.86
CA GLY A 235 -12.67 10.85 -8.74
C GLY A 235 -11.26 11.26 -9.14
N SER A 236 -10.59 11.92 -8.20
CA SER A 236 -9.22 12.36 -8.37
C SER A 236 -8.24 11.26 -7.95
N HIS A 237 -7.20 11.04 -8.73
CA HIS A 237 -6.19 10.06 -8.39
C HIS A 237 -4.79 10.63 -8.60
N THR A 238 -3.81 9.99 -7.98
CA THR A 238 -2.43 10.45 -7.98
C THR A 238 -1.56 9.36 -8.54
N VAL A 239 -0.61 9.74 -9.39
CA VAL A 239 0.54 8.92 -9.74
C VAL A 239 1.79 9.67 -9.29
N GLN A 240 2.72 8.95 -8.68
CA GLN A 240 3.97 9.53 -8.19
C GLN A 240 5.16 8.74 -8.69
N ARG A 241 6.23 9.47 -9.02
CA ARG A 241 7.45 8.85 -9.52
C ARG A 241 8.66 9.52 -8.87
N MET A 242 9.65 8.72 -8.52
CA MET A 242 10.86 9.26 -7.95
C MET A 242 12.04 8.49 -8.51
N TYR A 243 13.07 9.17 -8.95
CA TYR A 243 14.24 8.41 -9.33
C TYR A 243 15.50 9.21 -9.00
N GLY A 244 16.63 8.51 -8.98
CA GLY A 244 17.86 9.23 -8.77
C GLY A 244 19.05 8.33 -8.54
N CYS A 245 20.18 8.99 -8.22
CA CYS A 245 21.50 8.37 -8.15
C CYS A 245 22.29 8.92 -6.99
N ASP A 246 23.04 8.04 -6.36
CA ASP A 246 24.01 8.37 -5.32
C ASP A 246 25.41 8.09 -5.83
N VAL A 247 26.30 9.03 -5.57
CA VAL A 247 27.75 8.83 -5.68
C VAL A 247 28.33 8.88 -4.28
N GLY A 248 29.36 8.06 -4.05
CA GLY A 248 30.15 8.12 -2.84
C GLY A 248 31.15 9.26 -2.85
N SER A 249 32.05 9.24 -1.86
CA SER A 249 32.98 10.34 -1.69
C SER A 249 34.04 10.41 -2.79
N ASP A 250 34.29 9.33 -3.53
CA ASP A 250 35.09 9.40 -4.73
C ASP A 250 34.35 9.98 -5.93
N TRP A 251 33.06 10.28 -5.77
CA TRP A 251 32.17 10.76 -6.83
C TRP A 251 31.97 9.75 -7.94
N ARG A 252 32.06 8.47 -7.63
CA ARG A 252 31.73 7.45 -8.62
C ARG A 252 30.40 6.83 -8.25
N PHE A 253 29.73 6.27 -9.25
CA PHE A 253 28.38 5.76 -9.03
C PHE A 253 28.34 4.76 -7.90
N LEU A 254 27.41 4.98 -6.97
CA LEU A 254 27.19 4.10 -5.84
C LEU A 254 25.83 3.39 -5.87
N ARG A 255 24.73 4.13 -6.07
CA ARG A 255 23.44 3.42 -6.07
C ARG A 255 22.41 4.18 -6.90
N GLY A 256 21.42 3.45 -7.39
CA GLY A 256 20.36 4.05 -8.18
C GLY A 256 18.99 3.58 -7.78
N TYR A 257 17.99 4.41 -8.05
CA TYR A 257 16.65 4.09 -7.62
C TYR A 257 15.65 4.63 -8.63
N HIS A 258 14.50 3.96 -8.70
CA HIS A 258 13.38 4.40 -9.52
C HIS A 258 12.07 3.76 -9.06
N GLN A 259 11.12 4.54 -8.53
CA GLN A 259 9.89 3.96 -8.03
C GLN A 259 8.67 4.75 -8.49
N TYR A 260 7.53 4.05 -8.47
CA TYR A 260 6.26 4.44 -9.05
C TYR A 260 5.14 4.01 -8.13
N ALA A 261 4.27 4.95 -7.78
CA ALA A 261 3.13 4.72 -6.90
C ALA A 261 1.87 5.16 -7.61
N TYR A 262 0.79 4.43 -7.35
CA TYR A 262 -0.55 4.87 -7.71
C TYR A 262 -1.36 5.04 -6.43
N ASP A 263 -1.90 6.24 -6.24
CA ASP A 263 -2.71 6.57 -5.07
C ASP A 263 -1.96 6.35 -3.76
N GLY A 264 -0.71 6.78 -3.74
CA GLY A 264 0.07 6.68 -2.52
C GLY A 264 0.41 5.27 -2.12
N LYS A 265 0.36 4.33 -3.04
CA LYS A 265 0.67 2.94 -2.78
C LYS A 265 1.70 2.50 -3.78
N ASP A 266 2.68 1.73 -3.32
CA ASP A 266 3.67 1.16 -4.21
C ASP A 266 3.00 0.52 -5.42
N TYR A 267 3.51 0.84 -6.60
CA TYR A 267 3.03 0.19 -7.82
C TYR A 267 4.14 -0.62 -8.45
N ILE A 268 5.23 0.00 -8.89
CA ILE A 268 6.35 -0.79 -9.40
C ILE A 268 7.64 -0.07 -9.03
N ALA A 269 8.70 -0.86 -8.78
CA ALA A 269 9.97 -0.31 -8.33
C ALA A 269 11.12 -1.07 -8.97
N LEU A 270 12.13 -0.32 -9.42
CA LEU A 270 13.36 -0.93 -9.88
C LEU A 270 14.11 -1.46 -8.68
N LYS A 271 14.59 -2.69 -8.77
CA LYS A 271 15.38 -3.30 -7.71
C LYS A 271 16.78 -2.72 -7.66
N GLU A 272 17.46 -2.96 -6.55
CA GLU A 272 18.77 -2.34 -6.33
C GLU A 272 19.79 -2.73 -7.39
N ASP A 273 19.63 -3.90 -8.02
CA ASP A 273 20.52 -4.27 -9.10
C ASP A 273 20.24 -3.53 -10.40
N LEU A 274 19.15 -2.75 -10.44
CA LEU A 274 18.76 -2.02 -11.64
C LEU A 274 18.61 -2.94 -12.86
N ARG A 275 18.19 -4.18 -12.66
CA ARG A 275 17.97 -5.05 -13.79
C ARG A 275 16.59 -5.69 -13.79
N SER A 276 15.90 -5.73 -12.67
CA SER A 276 14.63 -6.41 -12.51
C SER A 276 13.70 -5.53 -11.68
N TRP A 277 12.42 -5.93 -11.66
CA TRP A 277 11.32 -5.12 -11.18
C TRP A 277 10.62 -5.85 -10.04
N THR A 278 10.10 -5.11 -9.07
CA THR A 278 9.14 -5.65 -8.13
C THR A 278 7.82 -4.93 -8.29
N ALA A 279 6.75 -5.73 -8.41
CA ALA A 279 5.38 -5.28 -8.62
C ALA A 279 4.51 -5.93 -7.56
N ALA A 280 3.70 -5.13 -6.86
CA ALA A 280 2.80 -5.75 -5.88
C ALA A 280 1.45 -6.13 -6.48
N ASP A 281 0.77 -5.19 -7.09
CA ASP A 281 -0.56 -5.41 -7.63
C ASP A 281 -0.53 -6.41 -8.77
N MET A 282 -1.70 -6.97 -9.08
CA MET A 282 -1.83 -7.73 -10.31
C MET A 282 -1.67 -6.82 -11.52
N ALA A 283 -2.20 -5.60 -11.44
CA ALA A 283 -2.07 -4.67 -12.54
C ALA A 283 -0.62 -4.35 -12.81
N ALA A 284 0.19 -4.23 -11.76
CA ALA A 284 1.57 -3.88 -11.93
C ALA A 284 2.35 -4.99 -12.61
N GLN A 285 1.78 -6.18 -12.73
CA GLN A 285 2.52 -7.26 -13.37
C GLN A 285 2.47 -7.15 -14.89
N THR A 286 1.35 -6.66 -15.42
CA THR A 286 1.30 -6.36 -16.84
C THR A 286 2.28 -5.25 -17.19
N THR A 287 2.39 -4.24 -16.33
CA THR A 287 3.40 -3.20 -16.52
C THR A 287 4.79 -3.79 -16.46
N LYS A 288 5.01 -4.71 -15.53
CA LYS A 288 6.31 -5.34 -15.44
C LYS A 288 6.69 -6.08 -16.71
N HIS A 289 5.74 -6.81 -17.32
CA HIS A 289 6.06 -7.47 -18.57
C HIS A 289 6.32 -6.48 -19.68
N LYS A 290 5.49 -5.43 -19.74
CA LYS A 290 5.70 -4.42 -20.75
C LYS A 290 7.10 -3.84 -20.66
N TRP A 291 7.53 -3.53 -19.45
CA TRP A 291 8.81 -2.86 -19.26
C TRP A 291 9.96 -3.81 -19.41
N GLU A 292 9.76 -5.08 -19.10
CA GLU A 292 10.78 -6.08 -19.34
C GLU A 292 11.01 -6.27 -20.83
N ALA A 293 9.94 -6.30 -21.61
CA ALA A 293 10.07 -6.46 -23.05
C ALA A 293 10.58 -5.21 -23.73
N ALA A 294 10.37 -4.04 -23.15
CA ALA A 294 10.82 -2.78 -23.76
C ALA A 294 12.17 -2.33 -23.26
N HIS A 295 12.78 -3.09 -22.34
CA HIS A 295 14.13 -2.85 -21.82
C HIS A 295 14.20 -1.56 -21.02
N VAL A 296 13.22 -1.36 -20.16
CA VAL A 296 13.14 -0.10 -19.44
C VAL A 296 14.24 -0.02 -18.41
N ALA A 297 14.53 -1.15 -17.75
CA ALA A 297 15.53 -1.17 -16.70
C ALA A 297 16.94 -0.99 -17.26
N GLU A 298 17.19 -1.52 -18.45
CA GLU A 298 18.47 -1.26 -19.10
C GLU A 298 18.65 0.23 -19.40
N GLN A 299 17.60 0.87 -19.88
CA GLN A 299 17.65 2.29 -20.20
C GLN A 299 17.85 3.13 -18.95
N LEU A 300 17.07 2.87 -17.91
CA LEU A 300 17.27 3.54 -16.65
C LEU A 300 18.67 3.36 -16.14
N ARG A 301 19.21 2.14 -16.25
CA ARG A 301 20.56 1.85 -15.76
C ARG A 301 21.59 2.67 -16.51
N ALA A 302 21.43 2.77 -17.83
CA ALA A 302 22.31 3.62 -18.61
C ALA A 302 22.24 5.06 -18.13
N TYR A 303 21.04 5.55 -17.78
CA TYR A 303 20.95 6.92 -17.31
C TYR A 303 21.50 7.07 -15.90
N LEU A 304 21.09 6.19 -15.00
CA LEU A 304 21.44 6.33 -13.58
C LEU A 304 22.93 6.13 -13.34
N GLU A 305 23.59 5.26 -14.09
CA GLU A 305 25.02 5.04 -13.90
C GLU A 305 25.88 6.01 -14.69
N GLY A 306 25.34 6.76 -15.62
CA GLY A 306 26.14 7.64 -16.45
C GLY A 306 25.77 9.11 -16.32
N THR A 307 24.84 9.52 -17.16
CA THR A 307 24.37 10.91 -17.24
C THR A 307 23.98 11.49 -15.89
N CYS A 308 23.20 10.74 -15.11
CA CYS A 308 22.83 11.19 -13.76
C CYS A 308 24.06 11.53 -12.94
N VAL A 309 25.04 10.63 -12.90
CA VAL A 309 26.24 10.85 -12.11
C VAL A 309 27.06 12.03 -12.67
N GLU A 310 27.19 12.14 -13.99
CA GLU A 310 27.96 13.23 -14.57
C GLU A 310 27.35 14.60 -14.25
N TRP A 311 26.03 14.74 -14.39
CA TRP A 311 25.41 16.03 -14.05
C TRP A 311 25.37 16.27 -12.55
N LEU A 312 25.29 15.21 -11.75
CA LEU A 312 25.47 15.39 -10.32
C LEU A 312 26.82 16.00 -10.01
N ARG A 313 27.87 15.54 -10.69
CA ARG A 313 29.22 16.07 -10.47
C ARG A 313 29.31 17.52 -10.90
N ARG A 314 28.77 17.83 -12.07
CA ARG A 314 28.72 19.20 -12.54
C ARG A 314 28.03 20.12 -11.53
N TYR A 315 26.89 19.69 -10.98
CA TYR A 315 26.16 20.53 -10.05
C TYR A 315 26.91 20.69 -8.74
N LEU A 316 27.52 19.61 -8.28
CA LEU A 316 28.29 19.66 -7.05
C LEU A 316 29.43 20.64 -7.20
N GLU A 317 30.05 20.69 -8.37
CA GLU A 317 31.14 21.65 -8.57
C GLU A 317 30.60 23.06 -8.70
N ASN A 318 29.59 23.27 -9.55
CA ASN A 318 29.05 24.60 -9.76
C ASN A 318 28.50 25.22 -8.48
N GLY A 319 27.94 24.40 -7.59
CA GLY A 319 27.42 24.92 -6.35
C GLY A 319 28.18 24.48 -5.13
N LYS A 320 29.50 24.35 -5.23
CA LYS A 320 30.26 23.66 -4.20
C LYS A 320 30.20 24.40 -2.87
N GLU A 321 30.13 25.73 -2.91
CA GLU A 321 30.15 26.47 -1.65
C GLU A 321 28.90 26.19 -0.84
N THR A 322 27.76 26.04 -1.50
CA THR A 322 26.52 25.70 -0.82
C THR A 322 26.32 24.19 -0.70
N LEU A 323 26.66 23.43 -1.73
CA LEU A 323 26.27 22.03 -1.76
C LEU A 323 27.23 21.12 -1.02
N GLN A 324 28.52 21.43 -1.01
CA GLN A 324 29.50 20.53 -0.40
C GLN A 324 29.83 20.89 1.04
N ARG A 325 28.93 21.59 1.71
CA ARG A 325 29.06 21.90 3.11
C ARG A 325 28.32 20.89 3.97
N THR A 326 28.74 20.81 5.23
CA THR A 326 27.94 20.23 6.29
C THR A 326 27.90 21.20 7.43
N ASP A 327 26.73 21.36 8.02
CA ASP A 327 26.55 22.14 9.23
C ASP A 327 26.23 21.15 10.34
N ALA A 328 27.10 21.07 11.33
CA ALA A 328 26.82 20.21 12.46
C ALA A 328 25.64 20.75 13.24
N PRO A 329 24.86 19.88 13.87
CA PRO A 329 23.73 20.36 14.65
C PRO A 329 24.19 21.10 15.90
N LYS A 330 23.52 22.21 16.18
CA LYS A 330 23.64 22.91 17.45
C LYS A 330 22.54 22.38 18.38
N THR A 331 22.94 21.73 19.46
CA THR A 331 22.07 20.93 20.30
C THR A 331 21.96 21.51 21.69
N HIS A 332 20.83 21.25 22.33
CA HIS A 332 20.64 21.61 23.74
C HIS A 332 19.44 20.85 24.25
N MET A 333 19.27 20.83 25.57
CA MET A 333 18.18 20.15 26.24
C MET A 333 17.31 21.15 26.99
N THR A 334 16.00 20.94 26.92
CA THR A 334 15.07 21.70 27.73
C THR A 334 14.33 20.74 28.65
N HIS A 335 13.76 21.31 29.70
CA HIS A 335 13.15 20.60 30.80
C HIS A 335 11.88 21.36 31.13
N HIS A 336 10.72 20.73 30.92
CA HIS A 336 9.44 21.34 31.28
C HIS A 336 8.73 20.44 32.29
N ALA A 337 8.32 21.03 33.41
CA ALA A 337 7.62 20.27 34.44
C ALA A 337 6.19 20.02 33.99
N VAL A 338 5.85 18.76 33.74
CA VAL A 338 4.46 18.39 33.52
C VAL A 338 3.66 18.65 34.78
N SER A 339 4.06 18.01 35.86
CA SER A 339 3.41 18.06 37.15
C SER A 339 4.50 17.95 38.20
N ASP A 340 4.13 17.54 39.40
CA ASP A 340 5.14 17.34 40.44
C ASP A 340 5.84 16.00 40.32
N HIS A 341 5.29 15.06 39.55
CA HIS A 341 5.81 13.71 39.51
C HIS A 341 6.48 13.34 38.19
N GLU A 342 6.46 14.22 37.19
CA GLU A 342 7.14 13.94 35.93
C GLU A 342 7.39 15.23 35.17
N ALA A 343 8.31 15.17 34.22
CA ALA A 343 8.69 16.30 33.39
C ALA A 343 9.02 15.80 32.00
N THR A 344 8.92 16.68 31.01
CA THR A 344 9.35 16.39 29.65
C THR A 344 10.76 16.90 29.44
N LEU A 345 11.67 16.00 29.05
CA LEU A 345 13.01 16.35 28.59
C LEU A 345 12.98 16.35 27.07
N ARG A 346 13.26 17.49 26.47
CA ARG A 346 13.30 17.60 25.03
C ARG A 346 14.72 17.92 24.57
N CYS A 347 15.24 17.09 23.70
CA CYS A 347 16.58 17.21 23.17
C CYS A 347 16.50 17.78 21.76
N TRP A 348 17.13 18.93 21.54
CA TRP A 348 17.02 19.74 20.34
C TRP A 348 18.28 19.65 19.51
N ALA A 349 18.10 19.53 18.20
CA ALA A 349 19.13 19.71 17.20
C ALA A 349 18.66 20.76 16.19
N LEU A 350 19.45 21.82 16.04
CA LEU A 350 19.08 22.95 15.21
C LEU A 350 20.17 23.27 14.20
N SER A 351 19.76 23.96 13.14
CA SER A 351 20.65 24.50 12.10
C SER A 351 21.63 23.47 11.55
N PHE A 352 21.15 22.29 11.21
CA PHE A 352 22.04 21.30 10.62
C PHE A 352 21.76 21.10 9.13
N TYR A 353 22.75 20.49 8.47
CA TYR A 353 22.73 20.14 7.05
C TYR A 353 23.81 19.12 6.75
N PRO A 354 23.48 18.06 6.00
CA PRO A 354 22.16 17.73 5.43
C PRO A 354 21.12 17.27 6.46
N ALA A 355 19.94 16.85 6.01
CA ALA A 355 18.83 16.61 6.91
C ALA A 355 18.97 15.34 7.71
N GLU A 356 19.65 14.33 7.20
CA GLU A 356 19.75 13.05 7.89
C GLU A 356 20.34 13.21 9.29
N ILE A 357 19.62 12.70 10.29
CA ILE A 357 20.04 12.87 11.68
C ILE A 357 19.36 11.79 12.50
N THR A 358 20.01 11.35 13.56
CA THR A 358 19.38 10.40 14.48
C THR A 358 19.45 10.96 15.89
N LEU A 359 18.29 11.01 16.55
CA LEU A 359 18.18 11.38 17.96
C LEU A 359 17.60 10.20 18.71
N THR A 360 18.31 9.71 19.72
CA THR A 360 17.87 8.56 20.48
C THR A 360 17.93 8.91 21.96
N TRP A 361 17.01 8.37 22.72
CA TRP A 361 17.06 8.50 24.16
C TRP A 361 17.28 7.13 24.74
N GLN A 362 18.13 7.05 25.73
CA GLN A 362 18.25 5.86 26.53
C GLN A 362 17.91 6.21 27.95
N ARG A 363 17.58 5.19 28.71
CA ARG A 363 17.32 5.36 30.11
C ARG A 363 18.03 4.23 30.84
N ASP A 364 19.01 4.58 31.68
CA ASP A 364 19.96 3.64 32.24
C ASP A 364 20.52 2.70 31.18
N GLY A 365 20.86 3.28 30.04
CA GLY A 365 21.43 2.51 28.96
C GLY A 365 20.46 1.61 28.22
N GLU A 366 19.18 1.67 28.54
CA GLU A 366 18.15 0.94 27.81
C GLU A 366 17.49 1.90 26.86
N ASP A 367 17.33 1.46 25.64
CA ASP A 367 16.91 2.37 24.60
C ASP A 367 15.42 2.63 24.71
N GLN A 368 15.03 3.89 24.59
CA GLN A 368 13.68 4.34 24.85
C GLN A 368 12.92 4.71 23.58
N THR A 369 13.11 4.02 22.45
CA THR A 369 12.46 4.45 21.21
C THR A 369 10.94 4.44 21.34
N GLN A 370 10.40 3.42 21.99
CA GLN A 370 8.96 3.25 22.02
C GLN A 370 8.24 4.36 22.77
N ASP A 371 8.91 5.06 23.67
CA ASP A 371 8.24 6.05 24.50
C ASP A 371 8.77 7.45 24.25
N THR A 372 9.30 7.66 23.06
CA THR A 372 9.95 8.90 22.65
C THR A 372 9.09 9.60 21.62
N GLU A 373 8.70 10.81 21.92
CA GLU A 373 8.02 11.65 20.95
C GLU A 373 9.06 12.28 20.03
N LEU A 374 8.89 12.04 18.75
CA LEU A 374 9.90 12.28 17.74
C LEU A 374 9.23 13.05 16.64
N VAL A 375 9.67 14.24 16.39
CA VAL A 375 9.02 15.06 15.40
C VAL A 375 9.78 14.95 14.08
N GLU A 376 9.06 15.15 12.98
CA GLU A 376 9.69 15.07 11.67
C GLU A 376 10.75 16.13 11.53
N THR A 377 11.85 15.78 10.86
CA THR A 377 12.84 16.77 10.52
C THR A 377 12.17 17.82 9.64
N ARG A 378 12.46 19.08 9.91
CA ARG A 378 11.68 20.17 9.33
C ARG A 378 12.61 21.27 8.86
N PRO A 379 12.25 21.96 7.78
CA PRO A 379 13.15 22.94 7.21
C PRO A 379 13.06 24.26 7.96
N ALA A 380 14.22 24.83 8.24
CA ALA A 380 14.25 26.17 8.83
C ALA A 380 13.85 27.24 7.84
N GLY A 381 14.06 27.04 6.56
CA GLY A 381 13.77 28.05 5.56
C GLY A 381 15.00 28.71 4.97
N ASP A 382 16.16 28.54 5.60
CA ASP A 382 17.41 29.11 5.12
C ASP A 382 18.39 28.04 4.65
N GLY A 383 17.94 26.83 4.37
CA GLY A 383 18.81 25.76 3.96
C GLY A 383 19.28 24.83 5.05
N THR A 384 18.99 25.13 6.32
CA THR A 384 19.24 24.24 7.45
C THR A 384 17.94 23.56 7.89
N PHE A 385 18.08 22.62 8.83
CA PHE A 385 16.99 21.75 9.28
C PHE A 385 16.99 21.65 10.80
N GLN A 386 15.89 21.15 11.35
CA GLN A 386 15.56 21.20 12.77
C GLN A 386 14.87 19.91 13.20
N LYS A 387 15.12 19.49 14.43
CA LYS A 387 14.48 18.28 14.93
C LYS A 387 14.61 18.28 16.45
N TRP A 388 13.66 17.65 17.12
CA TRP A 388 13.74 17.44 18.56
C TRP A 388 13.15 16.09 18.92
N ALA A 389 13.46 15.63 20.12
CA ALA A 389 12.98 14.36 20.61
C ALA A 389 12.77 14.48 22.11
N ALA A 390 11.59 14.12 22.58
CA ALA A 390 11.25 14.29 23.99
C ALA A 390 10.91 12.95 24.62
N VAL A 391 11.13 12.85 25.92
CA VAL A 391 10.64 11.74 26.73
C VAL A 391 10.11 12.32 28.03
N VAL A 392 9.19 11.60 28.67
CA VAL A 392 8.64 12.02 29.96
C VAL A 392 9.31 11.21 31.06
N VAL A 393 9.89 11.92 32.02
CA VAL A 393 10.81 11.38 33.00
C VAL A 393 10.19 11.64 34.38
N PRO A 394 10.19 10.66 35.27
CA PRO A 394 9.70 10.91 36.62
C PRO A 394 10.63 11.86 37.36
N SER A 395 10.04 12.66 38.26
CA SER A 395 10.80 13.71 38.92
C SER A 395 12.01 13.19 39.66
N GLY A 396 13.12 13.88 39.51
CA GLY A 396 14.34 13.55 40.20
C GLY A 396 15.16 12.46 39.56
N GLN A 397 14.74 11.94 38.42
CA GLN A 397 15.49 10.90 37.72
C GLN A 397 15.93 11.33 36.33
N GLU A 398 15.93 12.63 36.05
CA GLU A 398 16.46 13.16 34.81
C GLU A 398 17.85 12.63 34.49
N GLN A 399 18.70 12.46 35.51
CA GLN A 399 20.09 12.09 35.27
C GLN A 399 20.21 10.69 34.70
N ARG A 400 19.15 9.89 34.74
CA ARG A 400 19.23 8.55 34.16
C ARG A 400 19.05 8.56 32.66
N TYR A 401 18.63 9.67 32.10
CA TYR A 401 18.25 9.73 30.70
C TYR A 401 19.34 10.39 29.92
N THR A 402 19.70 9.77 28.79
CA THR A 402 20.72 10.27 27.91
C THR A 402 20.13 10.50 26.53
N CYS A 403 20.43 11.65 25.93
CA CYS A 403 20.12 11.89 24.52
C CYS A 403 21.37 11.64 23.68
N HIS A 404 21.17 11.09 22.49
CA HIS A 404 22.25 10.68 21.60
C HIS A 404 21.99 11.26 20.23
N VAL A 405 22.95 12.01 19.71
CA VAL A 405 22.82 12.75 18.46
C VAL A 405 23.87 12.23 17.49
N GLN A 406 23.43 11.87 16.29
CA GLN A 406 24.27 11.37 15.21
C GLN A 406 24.02 12.14 13.93
N HIS A 407 25.09 12.70 13.36
CA HIS A 407 25.02 13.53 12.18
C HIS A 407 26.38 13.52 11.50
N GLU A 408 26.38 13.58 10.16
CA GLU A 408 27.63 13.51 9.41
C GLU A 408 28.55 14.67 9.75
N GLY A 409 27.98 15.83 10.07
CA GLY A 409 28.79 16.97 10.41
C GLY A 409 29.32 16.90 11.83
N LEU A 410 29.21 15.75 12.48
CA LEU A 410 29.68 15.61 13.85
C LEU A 410 30.93 14.75 13.89
N PRO A 411 32.05 15.32 14.35
CA PRO A 411 33.27 14.50 14.53
C PRO A 411 33.07 13.23 15.34
N LYS A 412 32.23 13.28 16.37
CA LYS A 412 31.84 12.09 17.13
C LYS A 412 30.41 12.28 17.60
N PRO A 413 29.66 11.21 17.83
CA PRO A 413 28.29 11.34 18.30
C PRO A 413 28.23 12.01 19.66
N LEU A 414 27.17 12.79 19.87
CA LEU A 414 27.03 13.53 21.11
C LEU A 414 26.11 12.81 22.06
N THR A 415 26.40 12.96 23.34
CA THR A 415 25.60 12.42 24.42
C THR A 415 25.29 13.58 25.34
N LEU A 416 24.01 13.88 25.51
CA LEU A 416 23.55 14.93 26.38
C LEU A 416 22.90 14.33 27.62
N ARG A 417 23.02 15.08 28.73
CA ARG A 417 22.39 14.72 30.00
C ARG A 417 22.01 16.00 30.72
N TRP A 418 20.98 15.92 31.54
CA TRP A 418 20.45 17.09 32.24
C TRP A 418 21.21 17.30 33.54
N GLU A 419 21.68 18.54 33.75
CA GLU A 419 22.54 18.86 34.88
C GLU A 419 21.88 18.57 36.23
N HIS A 420 20.64 19.02 36.42
CA HIS A 420 19.99 18.79 37.72
C HIS A 420 18.47 18.58 37.64
N ALA B 4 -11.47 10.94 14.56
CA ALA B 4 -10.68 10.91 15.79
C ALA B 4 -9.85 9.64 15.92
N GLN B 5 -10.42 8.47 15.64
CA GLN B 5 -9.67 7.22 15.66
C GLN B 5 -9.55 6.71 14.24
N LYS B 6 -8.33 6.35 13.83
CA LYS B 6 -8.06 5.83 12.49
C LYS B 6 -6.99 4.75 12.51
N VAL B 7 -7.02 3.87 11.51
CA VAL B 7 -6.08 2.77 11.36
C VAL B 7 -5.62 2.76 9.91
N THR B 8 -4.30 2.76 9.70
CA THR B 8 -3.72 2.79 8.37
C THR B 8 -2.72 1.66 8.21
N GLN B 9 -2.95 0.81 7.22
CA GLN B 9 -2.07 -0.27 6.81
C GLN B 9 -1.54 0.10 5.42
N ALA B 10 -0.35 0.74 5.37
CA ALA B 10 0.22 1.25 4.12
C ALA B 10 0.46 0.17 3.07
N GLN B 11 1.01 -0.96 3.47
CA GLN B 11 1.29 -2.03 2.53
C GLN B 11 0.00 -2.66 2.04
N SER B 12 -0.07 -2.92 0.74
CA SER B 12 -1.26 -3.58 0.19
C SER B 12 -1.09 -5.10 0.09
N SER B 13 0.12 -5.54 -0.22
CA SER B 13 0.42 -6.96 -0.34
C SER B 13 1.87 -7.17 0.06
N VAL B 14 2.19 -8.37 0.52
CA VAL B 14 3.55 -8.73 0.92
C VAL B 14 3.77 -10.19 0.59
N SER B 15 4.99 -10.52 0.16
CA SER B 15 5.35 -11.87 -0.22
C SER B 15 6.66 -12.24 0.46
N MET B 16 6.68 -13.39 1.12
CA MET B 16 7.84 -13.93 1.81
C MET B 16 7.85 -15.45 1.68
N PRO B 17 9.02 -16.06 1.62
CA PRO B 17 9.10 -17.52 1.53
C PRO B 17 8.82 -18.25 2.82
N VAL B 18 8.59 -19.55 2.64
CA VAL B 18 8.35 -20.46 3.74
C VAL B 18 9.52 -20.46 4.72
N ARG B 19 9.21 -20.74 5.98
CA ARG B 19 10.15 -20.79 7.11
C ARG B 19 10.74 -19.45 7.55
N LYS B 20 10.59 -18.42 6.74
CA LYS B 20 11.09 -17.08 7.04
C LYS B 20 10.01 -16.34 7.84
N ALA B 21 10.17 -15.04 8.00
CA ALA B 21 9.23 -14.26 8.78
C ALA B 21 8.84 -13.00 8.02
N VAL B 22 7.59 -12.56 8.21
CA VAL B 22 7.12 -11.33 7.58
C VAL B 22 6.60 -10.39 8.65
N THR B 23 6.80 -9.08 8.45
CA THR B 23 6.33 -8.03 9.36
C THR B 23 5.38 -7.11 8.63
N LEU B 24 4.17 -6.95 9.21
CA LEU B 24 3.08 -6.14 8.71
C LEU B 24 2.91 -4.92 9.59
N ASN B 25 3.13 -3.77 9.02
CA ASN B 25 3.07 -2.52 9.78
C ASN B 25 1.65 -1.99 9.89
N CYS B 26 1.43 -1.18 10.91
CA CYS B 26 0.15 -0.55 11.18
C CYS B 26 0.32 0.68 12.06
N LEU B 27 -0.30 1.77 11.66
CA LEU B 27 -0.26 3.02 12.37
C LEU B 27 -1.69 3.44 12.69
N TYR B 28 -1.94 3.95 13.89
CA TYR B 28 -3.29 4.29 14.34
C TYR B 28 -3.32 5.67 14.98
N GLU B 29 -4.52 6.22 15.17
CA GLU B 29 -4.69 7.50 15.82
C GLU B 29 -5.85 7.42 16.81
N THR B 30 -5.55 7.60 18.11
CA THR B 30 -6.58 7.60 19.14
C THR B 30 -6.29 8.64 20.21
N SER B 31 -7.35 9.29 20.65
CA SER B 31 -7.30 10.27 21.74
C SER B 31 -7.27 9.62 23.14
N TRP B 32 -7.81 8.42 23.28
CA TRP B 32 -7.84 7.64 24.54
C TRP B 32 -6.46 7.34 25.14
N TRP B 33 -6.39 7.28 26.47
CA TRP B 33 -5.13 6.99 27.17
C TRP B 33 -4.80 5.49 27.13
N SER B 34 -5.74 4.61 27.55
CA SER B 34 -5.50 3.16 27.49
C SER B 34 -6.48 2.53 26.51
N TYR B 35 -5.97 1.69 25.61
CA TYR B 35 -6.74 1.08 24.55
C TYR B 35 -6.15 -0.29 24.22
N TYR B 36 -6.71 -0.96 23.20
CA TYR B 36 -6.26 -2.27 22.75
C TYR B 36 -6.17 -2.28 21.24
N ILE B 37 -5.21 -3.05 20.73
CA ILE B 37 -5.00 -3.26 19.31
C ILE B 37 -5.15 -4.75 19.06
N PHE B 38 -5.80 -5.12 17.98
CA PHE B 38 -6.03 -6.51 17.66
C PHE B 38 -5.59 -6.76 16.24
N TRP B 39 -5.11 -7.96 16.00
CA TRP B 39 -4.74 -8.41 14.67
C TRP B 39 -5.57 -9.63 14.35
N TYR B 40 -6.27 -9.54 13.22
CA TYR B 40 -7.16 -10.56 12.66
C TYR B 40 -6.64 -11.06 11.32
N LYS B 41 -7.05 -12.28 11.00
CA LYS B 41 -6.75 -13.00 9.77
C LYS B 41 -8.04 -13.30 9.01
N GLN B 42 -8.14 -12.87 7.76
CA GLN B 42 -9.28 -13.17 6.90
C GLN B 42 -8.94 -14.18 5.82
N LEU B 43 -9.62 -15.33 5.86
CA LEU B 43 -9.55 -16.45 4.93
C LEU B 43 -10.34 -16.16 3.64
N PRO B 44 -10.01 -16.84 2.52
CA PRO B 44 -10.80 -16.63 1.30
C PRO B 44 -12.24 -17.10 1.41
N SER B 45 -12.52 -18.03 2.34
CA SER B 45 -13.85 -18.51 2.68
C SER B 45 -14.59 -17.55 3.58
N LYS B 46 -13.97 -16.42 3.89
CA LYS B 46 -14.43 -15.30 4.69
C LYS B 46 -14.37 -15.42 6.22
N GLU B 47 -13.72 -16.41 6.81
CA GLU B 47 -13.61 -16.39 8.26
C GLU B 47 -12.63 -15.30 8.70
N MET B 48 -13.02 -14.54 9.71
CA MET B 48 -12.25 -13.45 10.33
C MET B 48 -11.75 -14.04 11.65
N ILE B 49 -10.48 -14.42 11.70
CA ILE B 49 -9.89 -15.14 12.82
C ILE B 49 -9.01 -14.23 13.67
N PHE B 50 -9.29 -14.19 14.97
CA PHE B 50 -8.45 -13.41 15.87
C PHE B 50 -7.06 -14.02 16.00
N LEU B 51 -6.03 -13.17 15.93
CA LEU B 51 -4.65 -13.60 16.04
C LEU B 51 -4.00 -13.13 17.32
N ILE B 52 -3.89 -11.81 17.55
CA ILE B 52 -3.17 -11.38 18.74
C ILE B 52 -3.70 -10.03 19.21
N ARG B 53 -3.62 -9.80 20.51
CA ARG B 53 -4.07 -8.53 21.09
C ARG B 53 -2.91 -7.88 21.83
N GLN B 54 -2.83 -6.57 21.75
CA GLN B 54 -1.83 -5.78 22.40
C GLN B 54 -2.44 -4.63 23.17
N GLY B 55 -2.14 -4.50 24.46
CA GLY B 55 -2.65 -3.41 25.23
C GLY B 55 -1.70 -2.22 25.19
N SER B 56 -2.28 -1.04 25.29
CA SER B 56 -1.48 0.19 25.30
C SER B 56 -0.47 0.24 26.45
N ASP B 57 -0.84 -0.27 27.62
CA ASP B 57 0.00 -0.23 28.80
C ASP B 57 0.63 -1.57 29.08
N GLU B 58 0.57 -2.50 28.14
CA GLU B 58 1.19 -3.79 28.36
C GLU B 58 2.55 -3.87 27.65
N GLN B 59 3.26 -4.95 27.88
CA GLN B 59 4.51 -5.13 27.18
C GLN B 59 4.18 -5.70 25.81
N ASN B 60 5.20 -5.84 24.98
CA ASN B 60 5.01 -6.41 23.66
C ASN B 60 4.42 -7.81 23.70
N ALA B 61 3.30 -7.97 23.00
CA ALA B 61 2.57 -9.23 22.89
C ALA B 61 3.31 -10.28 22.05
N LYS B 62 3.22 -11.52 22.47
CA LYS B 62 3.79 -12.69 21.82
C LYS B 62 2.84 -13.84 22.04
N SER B 63 2.39 -14.47 20.97
CA SER B 63 1.44 -15.58 21.07
C SER B 63 1.75 -16.57 19.95
N GLY B 64 2.60 -17.52 20.25
CA GLY B 64 3.02 -18.52 19.30
C GLY B 64 3.93 -17.93 18.26
N ARG B 65 3.49 -17.98 17.02
CA ARG B 65 4.28 -17.46 15.92
C ARG B 65 3.99 -16.00 15.62
N TYR B 66 3.14 -15.36 16.41
CA TYR B 66 2.81 -13.95 16.22
C TYR B 66 3.48 -13.09 17.28
N SER B 67 3.90 -11.89 16.92
CA SER B 67 4.51 -10.99 17.88
C SER B 67 4.22 -9.57 17.45
N VAL B 68 4.11 -8.67 18.41
CA VAL B 68 3.76 -7.29 18.13
C VAL B 68 4.80 -6.30 18.64
N ASN B 69 5.41 -5.58 17.72
CA ASN B 69 6.32 -4.51 18.07
C ASN B 69 5.53 -3.22 18.27
N PHE B 70 5.19 -2.95 19.52
CA PHE B 70 4.39 -1.81 19.93
C PHE B 70 5.26 -0.60 20.28
N LYS B 71 4.87 0.57 19.75
CA LYS B 71 5.56 1.85 19.97
C LYS B 71 4.48 2.91 20.21
N LYS B 72 4.09 3.04 21.46
CA LYS B 72 3.00 3.95 21.81
C LYS B 72 3.31 5.38 21.45
N ALA B 73 4.58 5.74 21.37
CA ALA B 73 4.97 7.08 20.98
C ALA B 73 4.61 7.32 19.53
N ALA B 74 5.13 6.49 18.64
CA ALA B 74 4.85 6.56 17.22
C ALA B 74 3.44 6.05 16.87
N LYS B 75 2.83 5.31 17.79
CA LYS B 75 1.54 4.65 17.59
C LYS B 75 1.71 3.70 16.43
N SER B 76 2.61 2.75 16.65
CA SER B 76 2.95 1.76 15.64
C SER B 76 2.77 0.44 16.33
N VAL B 77 2.02 -0.44 15.71
CA VAL B 77 1.77 -1.74 16.30
C VAL B 77 2.00 -2.81 15.25
N ALA B 78 3.24 -2.96 14.81
CA ALA B 78 3.53 -3.94 13.77
C ALA B 78 3.47 -5.39 14.24
N LEU B 79 2.82 -6.23 13.44
CA LEU B 79 2.72 -7.65 13.71
C LEU B 79 3.75 -8.43 12.89
N THR B 80 4.49 -9.30 13.53
CA THR B 80 5.43 -10.15 12.81
C THR B 80 4.99 -11.61 12.95
N ILE B 81 4.98 -12.31 11.84
CA ILE B 81 4.68 -13.73 11.73
C ILE B 81 5.96 -14.48 11.38
N SER B 82 6.45 -15.27 12.31
CA SER B 82 7.66 -16.05 12.21
C SER B 82 7.31 -17.46 11.73
N ALA B 83 8.32 -18.15 11.19
CA ALA B 83 8.21 -19.50 10.64
C ALA B 83 6.97 -19.68 9.80
N LEU B 84 6.97 -18.96 8.69
CA LEU B 84 5.84 -18.91 7.77
C LEU B 84 5.50 -20.27 7.20
N GLN B 85 4.20 -20.57 7.21
CA GLN B 85 3.60 -21.75 6.62
C GLN B 85 2.76 -21.32 5.44
N LEU B 86 2.59 -22.23 4.47
CA LEU B 86 1.78 -21.90 3.30
C LEU B 86 0.36 -21.51 3.69
N GLU B 87 -0.17 -22.10 4.76
CA GLU B 87 -1.52 -21.77 5.18
C GLU B 87 -1.65 -20.45 5.90
N ASP B 88 -0.56 -19.71 6.01
CA ASP B 88 -0.52 -18.36 6.56
C ASP B 88 -0.96 -17.31 5.55
N SER B 89 -1.10 -17.70 4.28
CA SER B 89 -1.55 -16.87 3.16
C SER B 89 -2.99 -16.41 3.40
N ALA B 90 -3.17 -15.13 3.63
CA ALA B 90 -4.48 -14.59 3.96
C ALA B 90 -4.39 -13.07 3.92
N LYS B 91 -5.47 -12.41 4.29
CA LYS B 91 -5.48 -10.96 4.42
C LYS B 91 -5.47 -10.61 5.90
N TYR B 92 -4.51 -9.80 6.32
CA TYR B 92 -4.30 -9.50 7.73
C TYR B 92 -4.75 -8.09 8.06
N PHE B 93 -5.64 -7.98 9.04
CA PHE B 93 -6.26 -6.74 9.44
C PHE B 93 -5.81 -6.27 10.82
N CYS B 94 -5.47 -5.00 10.92
CA CYS B 94 -5.14 -4.35 12.16
C CYS B 94 -6.39 -3.59 12.61
N ALA B 95 -6.80 -3.81 13.86
CA ALA B 95 -8.01 -3.20 14.37
C ALA B 95 -7.77 -2.50 15.70
N LEU B 96 -8.29 -1.31 15.85
CA LEU B 96 -8.17 -0.56 17.09
C LEU B 96 -9.47 -0.57 17.91
N GLY B 97 -9.37 -1.04 19.16
CA GLY B 97 -10.46 -0.98 20.12
C GLY B 97 -10.70 0.45 20.57
N GLU B 98 -11.65 0.64 21.47
CA GLU B 98 -11.86 1.91 22.16
C GLU B 98 -11.60 1.73 23.64
N LEU B 99 -12.50 2.13 24.55
CA LEU B 99 -12.27 2.00 25.99
C LEU B 99 -12.28 0.56 26.46
N GLY B 100 -13.09 -0.29 25.85
CA GLY B 100 -13.22 -1.65 26.33
C GLY B 100 -14.60 -1.96 26.84
N TRP B 101 -15.61 -1.33 26.27
CA TRP B 101 -17.00 -1.61 26.55
C TRP B 101 -17.55 -2.64 25.58
N ASP B 102 -18.58 -3.38 26.02
CA ASP B 102 -19.22 -4.36 25.16
C ASP B 102 -19.96 -3.73 23.99
N THR B 103 -20.27 -2.46 24.10
CA THR B 103 -20.75 -1.68 22.98
C THR B 103 -19.65 -1.22 22.01
N ASP B 104 -18.35 -1.48 22.25
CA ASP B 104 -17.31 -0.95 21.39
C ASP B 104 -17.18 -1.63 20.04
N LYS B 105 -16.96 -0.80 19.04
CA LYS B 105 -16.65 -1.22 17.70
C LYS B 105 -15.14 -1.33 17.58
N LEU B 106 -14.70 -1.99 16.52
CA LEU B 106 -13.31 -2.04 16.15
C LEU B 106 -13.17 -1.17 14.93
N ILE B 107 -12.09 -0.40 14.85
CA ILE B 107 -11.82 0.38 13.64
C ILE B 107 -10.73 -0.37 12.92
N PHE B 108 -11.08 -0.87 11.76
CA PHE B 108 -10.16 -1.67 11.00
C PHE B 108 -9.40 -0.84 9.99
N GLY B 109 -8.30 -1.35 9.57
CA GLY B 109 -7.57 -0.82 8.46
C GLY B 109 -7.96 -1.62 7.28
N LYS B 110 -7.51 -1.19 6.12
CA LYS B 110 -7.81 -2.04 4.99
C LYS B 110 -6.83 -3.16 5.22
N GLY B 111 -7.01 -4.31 4.69
CA GLY B 111 -6.02 -5.33 4.97
C GLY B 111 -4.73 -5.30 4.18
N THR B 112 -3.83 -6.21 4.55
CA THR B 112 -2.60 -6.34 3.80
C THR B 112 -2.59 -7.83 3.46
N ARG B 113 -2.49 -8.18 2.18
CA ARG B 113 -2.46 -9.59 1.79
C ARG B 113 -1.05 -10.13 1.96
N VAL B 114 -0.96 -11.31 2.56
CA VAL B 114 0.30 -12.00 2.73
C VAL B 114 0.19 -13.26 1.90
N THR B 115 1.19 -13.43 1.03
CA THR B 115 1.33 -14.60 0.17
C THR B 115 2.62 -15.32 0.55
N VAL B 116 2.50 -16.56 0.99
CA VAL B 116 3.67 -17.37 1.37
C VAL B 116 4.09 -18.22 0.19
N GLU B 117 5.25 -17.97 -0.29
CA GLU B 117 6.12 -18.46 -1.36
C GLU B 117 6.88 -19.70 -0.87
N PRO B 118 7.18 -20.62 -1.78
CA PRO B 118 8.03 -21.76 -1.43
C PRO B 118 9.42 -21.26 -1.07
N ARG B 119 10.15 -22.10 -0.33
CA ARG B 119 11.47 -21.71 0.15
C ARG B 119 12.45 -21.32 -0.95
N SER B 120 13.48 -20.54 -0.58
CA SER B 120 14.51 -20.18 -1.56
C SER B 120 15.28 -21.43 -1.92
N GLN B 121 15.40 -21.65 -3.20
CA GLN B 121 15.94 -22.90 -3.71
C GLN B 121 16.68 -22.61 -4.99
N PRO B 122 17.51 -23.53 -5.45
CA PRO B 122 18.13 -23.37 -6.76
C PRO B 122 17.10 -23.30 -7.87
N HIS B 123 17.43 -22.51 -8.89
CA HIS B 123 16.60 -22.29 -10.06
C HIS B 123 16.42 -23.55 -10.90
N THR B 124 15.17 -23.82 -11.32
CA THR B 124 14.79 -25.00 -12.09
C THR B 124 14.10 -24.50 -13.35
N LYS B 125 14.63 -24.85 -14.48
CA LYS B 125 14.09 -24.50 -15.79
C LYS B 125 12.88 -25.39 -16.09
N PRO B 126 11.77 -24.82 -16.58
CA PRO B 126 10.56 -25.61 -16.81
C PRO B 126 10.47 -26.30 -18.16
N SER B 127 9.51 -27.21 -18.26
CA SER B 127 9.09 -27.74 -19.55
C SER B 127 7.84 -26.99 -20.01
N VAL B 128 7.65 -26.86 -21.32
CA VAL B 128 6.63 -26.00 -21.91
C VAL B 128 5.82 -26.81 -22.91
N PHE B 129 4.50 -26.81 -22.72
CA PHE B 129 3.51 -27.54 -23.49
C PHE B 129 2.37 -26.63 -23.92
N VAL B 130 1.74 -27.04 -25.02
CA VAL B 130 0.58 -26.39 -25.62
C VAL B 130 -0.55 -27.40 -25.58
N MET B 131 -1.74 -26.96 -25.17
CA MET B 131 -2.95 -27.75 -25.03
C MET B 131 -4.05 -27.19 -25.92
N LYS B 132 -4.88 -28.05 -26.53
CA LYS B 132 -5.82 -27.46 -27.46
C LYS B 132 -7.24 -28.00 -27.37
N ASN B 133 -8.21 -27.13 -27.73
CA ASN B 133 -9.61 -27.49 -27.92
C ASN B 133 -10.22 -26.43 -28.84
N GLY B 134 -10.34 -26.76 -30.11
CA GLY B 134 -10.84 -25.89 -31.17
C GLY B 134 -10.00 -24.65 -31.29
N THR B 135 -10.55 -23.50 -30.87
CA THR B 135 -9.78 -22.28 -30.98
C THR B 135 -8.99 -22.01 -29.70
N ASN B 136 -9.41 -22.56 -28.56
CA ASN B 136 -8.68 -22.29 -27.33
C ASN B 136 -7.42 -23.12 -27.28
N VAL B 137 -6.32 -22.44 -27.02
CA VAL B 137 -5.00 -23.04 -26.89
C VAL B 137 -4.40 -22.55 -25.56
N ALA B 138 -4.09 -23.50 -24.68
CA ALA B 138 -3.47 -23.28 -23.37
C ALA B 138 -1.99 -23.69 -23.34
N CYS B 139 -1.13 -22.79 -22.88
CA CYS B 139 0.29 -23.11 -22.72
C CYS B 139 0.50 -23.48 -21.25
N LEU B 140 1.00 -24.71 -21.01
CA LEU B 140 1.24 -25.23 -19.67
C LEU B 140 2.75 -25.32 -19.43
N VAL B 141 3.21 -24.71 -18.35
CA VAL B 141 4.61 -24.58 -17.97
C VAL B 141 4.82 -25.34 -16.67
N LYS B 142 5.57 -26.43 -16.72
CA LYS B 142 5.72 -27.33 -15.57
C LYS B 142 7.08 -27.20 -14.90
N GLU B 143 7.03 -27.18 -13.56
CA GLU B 143 8.10 -27.19 -12.58
C GLU B 143 9.19 -26.16 -12.86
N PHE B 144 8.97 -24.91 -12.46
CA PHE B 144 9.95 -23.83 -12.61
C PHE B 144 10.15 -23.08 -11.31
N TYR B 145 11.34 -22.53 -11.17
CA TYR B 145 11.73 -21.66 -10.08
C TYR B 145 12.84 -20.77 -10.66
N PRO B 146 12.75 -19.42 -10.49
CA PRO B 146 11.86 -18.59 -9.68
C PRO B 146 10.44 -18.32 -10.27
N LYS B 147 9.59 -17.56 -9.55
CA LYS B 147 8.24 -17.26 -10.05
C LYS B 147 8.26 -16.42 -11.34
N ASP B 148 9.17 -15.43 -11.42
CA ASP B 148 9.22 -14.56 -12.61
C ASP B 148 9.37 -15.29 -13.92
N ILE B 149 8.37 -15.14 -14.77
CA ILE B 149 8.29 -15.75 -16.09
C ILE B 149 7.41 -14.90 -16.96
N ARG B 150 7.67 -14.91 -18.26
CA ARG B 150 6.80 -14.28 -19.23
C ARG B 150 6.44 -15.36 -20.21
N ILE B 151 5.16 -15.67 -20.32
CA ILE B 151 4.68 -16.72 -21.21
C ILE B 151 4.02 -16.05 -22.39
N ASN B 152 4.53 -16.33 -23.59
CA ASN B 152 4.04 -15.72 -24.81
C ASN B 152 3.62 -16.81 -25.80
N LEU B 153 2.34 -16.81 -26.16
CA LEU B 153 1.87 -17.65 -27.27
C LEU B 153 2.00 -16.75 -28.48
N VAL B 154 2.84 -17.15 -29.44
CA VAL B 154 3.08 -16.28 -30.59
C VAL B 154 1.94 -16.42 -31.58
N SER B 155 1.24 -15.31 -31.81
CA SER B 155 0.19 -15.17 -32.81
C SER B 155 0.21 -13.76 -33.37
N ILE B 159 -7.41 -13.72 -30.65
CA ILE B 159 -8.73 -13.19 -30.31
C ILE B 159 -8.71 -12.58 -28.92
N THR B 160 -8.37 -13.38 -27.91
CA THR B 160 -8.30 -12.88 -26.55
C THR B 160 -7.25 -13.68 -25.77
N GLU B 161 -6.69 -13.05 -24.74
CA GLU B 161 -5.71 -13.68 -23.88
C GLU B 161 -5.98 -13.32 -22.42
N PHE B 162 -5.88 -14.31 -21.55
CA PHE B 162 -6.10 -14.11 -20.13
C PHE B 162 -4.78 -14.10 -19.38
N ASP B 163 -4.81 -13.58 -18.16
CA ASP B 163 -3.61 -13.58 -17.33
C ASP B 163 -3.25 -15.01 -16.96
N PRO B 164 -1.97 -15.36 -16.97
CA PRO B 164 -1.57 -16.70 -16.57
C PRO B 164 -1.81 -17.00 -15.11
N ALA B 165 -2.03 -18.28 -14.82
CA ALA B 165 -2.14 -18.75 -13.46
C ALA B 165 -0.86 -19.45 -13.02
N ILE B 166 -0.20 -18.92 -11.97
CA ILE B 166 0.99 -19.50 -11.34
C ILE B 166 0.61 -20.03 -9.98
N VAL B 167 0.92 -21.30 -9.73
CA VAL B 167 0.59 -21.95 -8.47
C VAL B 167 1.82 -22.71 -7.98
N ILE B 168 1.84 -22.95 -6.67
CA ILE B 168 2.90 -23.73 -6.05
C ILE B 168 2.68 -25.21 -6.29
N SER B 169 3.75 -25.89 -6.76
CA SER B 169 3.72 -27.30 -7.08
C SER B 169 3.95 -28.15 -5.85
N PRO B 170 3.51 -29.40 -5.89
CA PRO B 170 3.71 -30.27 -4.74
C PRO B 170 5.17 -30.49 -4.36
N SER B 171 6.11 -30.18 -5.24
CA SER B 171 7.56 -30.30 -5.02
C SER B 171 8.20 -29.02 -4.50
N GLY B 172 7.40 -28.00 -4.31
CA GLY B 172 7.84 -26.72 -3.80
C GLY B 172 8.29 -25.77 -4.87
N LYS B 173 8.03 -26.05 -6.14
CA LYS B 173 8.34 -25.07 -7.17
C LYS B 173 7.01 -24.50 -7.72
N TYR B 174 7.01 -24.10 -9.00
CA TYR B 174 5.80 -23.53 -9.60
C TYR B 174 5.37 -24.24 -10.87
N ASN B 175 4.06 -24.20 -11.11
CA ASN B 175 3.43 -24.62 -12.35
C ASN B 175 2.62 -23.42 -12.83
N ALA B 176 2.41 -23.32 -14.14
CA ALA B 176 1.67 -22.17 -14.67
C ALA B 176 0.90 -22.58 -15.91
N VAL B 177 -0.28 -22.00 -16.10
CA VAL B 177 -1.12 -22.23 -17.28
C VAL B 177 -1.63 -20.90 -17.83
N LYS B 178 -1.42 -20.66 -19.12
CA LYS B 178 -1.97 -19.48 -19.81
C LYS B 178 -2.89 -19.91 -20.94
N LEU B 179 -4.15 -19.48 -20.90
CA LEU B 179 -5.12 -19.83 -21.95
C LEU B 179 -5.50 -18.63 -22.80
N GLY B 180 -5.86 -18.91 -24.05
CA GLY B 180 -6.36 -17.90 -24.95
C GLY B 180 -7.12 -18.49 -26.13
N LYS B 181 -7.66 -17.58 -26.94
CA LYS B 181 -8.34 -17.92 -28.19
C LYS B 181 -7.70 -17.16 -29.35
N TYR B 182 -7.32 -17.90 -30.38
CA TYR B 182 -6.61 -17.42 -31.57
C TYR B 182 -7.23 -18.04 -32.81
N GLU B 183 -7.42 -17.22 -33.85
CA GLU B 183 -7.97 -17.74 -35.09
C GLU B 183 -7.07 -18.80 -35.72
N ASP B 184 -5.76 -18.61 -35.66
CA ASP B 184 -4.79 -19.55 -36.22
C ASP B 184 -4.31 -20.57 -35.19
N SER B 185 -5.22 -20.91 -34.27
CA SER B 185 -4.97 -21.79 -33.13
C SER B 185 -4.27 -23.10 -33.48
N ASN B 186 -4.66 -23.75 -34.58
CA ASN B 186 -4.08 -25.05 -34.88
C ASN B 186 -2.55 -25.05 -34.99
N SER B 187 -1.91 -23.98 -35.43
CA SER B 187 -0.46 -24.08 -35.46
C SER B 187 0.24 -23.28 -34.38
N VAL B 188 -0.48 -22.50 -33.57
CA VAL B 188 0.16 -21.70 -32.53
C VAL B 188 0.76 -22.60 -31.44
N THR B 189 2.00 -22.33 -31.07
CA THR B 189 2.79 -23.00 -30.04
C THR B 189 3.29 -21.91 -29.10
N CYS B 190 3.81 -22.31 -27.94
CA CYS B 190 4.22 -21.40 -26.87
C CYS B 190 5.70 -21.37 -26.53
N SER B 191 6.17 -20.13 -26.23
CA SER B 191 7.52 -19.81 -25.83
C SER B 191 7.49 -19.02 -24.53
N VAL B 192 8.39 -19.37 -23.58
CA VAL B 192 8.43 -18.77 -22.25
C VAL B 192 9.84 -18.28 -21.92
N GLN B 193 9.91 -17.06 -21.43
CA GLN B 193 11.13 -16.43 -20.97
C GLN B 193 11.19 -16.51 -19.45
N HIS B 194 12.20 -17.20 -18.94
CA HIS B 194 12.40 -17.51 -17.53
C HIS B 194 13.86 -17.67 -17.19
N ASP B 195 14.26 -17.02 -16.10
CA ASP B 195 15.62 -17.04 -15.56
C ASP B 195 16.67 -16.84 -16.66
N ASN B 196 16.43 -15.80 -17.45
CA ASN B 196 17.32 -15.37 -18.52
C ASN B 196 17.46 -16.40 -19.62
N LYS B 197 16.58 -17.40 -19.66
CA LYS B 197 16.62 -18.43 -20.69
C LYS B 197 15.25 -18.46 -21.33
N THR B 198 15.17 -18.95 -22.56
CA THR B 198 13.91 -19.06 -23.30
C THR B 198 13.61 -20.51 -23.68
N VAL B 199 12.49 -21.03 -23.20
CA VAL B 199 12.06 -22.41 -23.51
C VAL B 199 10.84 -22.33 -24.40
N HIS B 200 10.96 -22.94 -25.57
CA HIS B 200 9.92 -23.05 -26.58
C HIS B 200 9.23 -24.40 -26.49
N SER B 201 7.94 -24.40 -26.76
CA SER B 201 7.24 -25.69 -26.79
C SER B 201 7.78 -26.51 -27.93
N THR B 202 8.31 -25.84 -28.96
CA THR B 202 8.88 -26.52 -30.11
C THR B 202 10.17 -27.25 -29.74
N ASP B 203 10.81 -26.85 -28.64
CA ASP B 203 12.01 -27.53 -28.20
C ASP B 203 11.72 -28.99 -27.85
N PHE B 204 10.54 -29.26 -27.32
CA PHE B 204 10.19 -30.61 -26.90
C PHE B 204 9.55 -31.36 -28.06
N GLY C 9 -14.34 -23.83 4.77
CA GLY C 9 -13.71 -23.72 3.48
C GLY C 9 -14.63 -23.23 2.36
N ARG C 10 -15.95 -23.32 2.60
CA ARG C 10 -16.95 -22.93 1.62
C ARG C 10 -17.53 -21.56 1.96
N THR C 11 -17.91 -20.83 0.90
CA THR C 11 -18.44 -19.49 1.04
C THR C 11 -19.96 -19.51 1.11
N LYS C 12 -20.51 -18.80 2.10
CA LYS C 12 -21.95 -18.58 2.21
C LYS C 12 -22.30 -17.32 1.43
N SER C 13 -23.24 -17.43 0.48
CA SER C 13 -23.61 -16.30 -0.34
C SER C 13 -25.12 -16.24 -0.55
N VAL C 14 -25.58 -15.04 -0.94
CA VAL C 14 -26.98 -14.74 -1.23
C VAL C 14 -27.00 -13.74 -2.37
N THR C 15 -27.77 -14.02 -3.42
CA THR C 15 -27.83 -13.19 -4.62
C THR C 15 -29.25 -12.68 -4.82
N ARG C 16 -29.41 -11.37 -4.90
CA ARG C 16 -30.72 -10.74 -4.95
C ARG C 16 -30.72 -9.61 -5.97
N PRO C 17 -31.84 -9.35 -6.61
CA PRO C 17 -31.92 -8.23 -7.55
C PRO C 17 -32.02 -6.91 -6.81
N THR C 18 -31.64 -5.83 -7.50
CA THR C 18 -31.78 -4.54 -6.85
C THR C 18 -33.26 -4.20 -6.67
N GLY C 19 -33.53 -3.34 -5.70
CA GLY C 19 -34.90 -3.09 -5.30
C GLY C 19 -35.50 -4.11 -4.36
N SER C 20 -34.89 -5.28 -4.21
CA SER C 20 -35.42 -6.38 -3.44
C SER C 20 -34.91 -6.33 -2.00
N SER C 21 -35.09 -7.42 -1.26
CA SER C 21 -34.67 -7.48 0.13
C SER C 21 -33.82 -8.73 0.31
N ALA C 22 -32.95 -8.71 1.33
CA ALA C 22 -32.09 -9.85 1.56
C ALA C 22 -32.01 -10.15 3.04
N VAL C 23 -31.97 -11.44 3.38
CA VAL C 23 -31.91 -11.90 4.76
C VAL C 23 -30.66 -12.77 4.94
N ILE C 24 -29.80 -12.36 5.85
CA ILE C 24 -28.55 -13.03 6.20
C ILE C 24 -28.68 -13.54 7.62
N THR C 25 -28.15 -14.73 7.90
CA THR C 25 -28.28 -15.38 9.20
C THR C 25 -26.93 -15.38 9.91
N CYS C 26 -26.93 -14.87 11.13
CA CYS C 26 -25.75 -14.91 12.00
C CYS C 26 -25.59 -16.34 12.49
N ASP C 27 -24.61 -17.05 11.95
CA ASP C 27 -24.36 -18.43 12.33
C ASP C 27 -23.53 -18.52 13.59
N LEU C 28 -23.67 -17.56 14.50
CA LEU C 28 -22.80 -17.46 15.64
C LEU C 28 -23.55 -17.76 16.92
N PRO C 29 -23.25 -18.88 17.60
CA PRO C 29 -23.58 -19.17 19.00
C PRO C 29 -22.42 -18.90 19.94
N GLU C 31 -22.71 -17.17 24.12
CA GLU C 31 -23.31 -17.24 25.45
C GLU C 31 -24.71 -16.66 25.43
N ASN C 32 -25.38 -16.81 24.29
CA ASN C 32 -26.59 -16.06 23.96
C ASN C 32 -26.36 -14.59 24.29
N ALA C 33 -25.13 -14.11 24.04
CA ALA C 33 -24.65 -12.81 24.50
C ALA C 33 -25.59 -11.68 24.15
N VAL C 34 -25.48 -10.59 24.88
CA VAL C 34 -26.42 -9.49 24.75
C VAL C 34 -26.19 -8.71 23.46
N TYR C 35 -24.96 -8.23 23.24
CA TYR C 35 -24.68 -7.31 22.13
C TYR C 35 -24.01 -8.03 20.96
N THR C 36 -24.52 -7.79 19.77
CA THR C 36 -24.01 -8.39 18.55
C THR C 36 -23.84 -7.28 17.52
N HIS C 37 -22.71 -7.28 16.83
CA HIS C 37 -22.35 -6.15 15.97
C HIS C 37 -22.29 -6.63 14.54
N TRP C 38 -22.79 -5.81 13.63
CA TRP C 38 -22.81 -6.19 12.24
C TRP C 38 -21.85 -5.30 11.45
N TYR C 39 -21.05 -5.94 10.61
CA TYR C 39 -20.00 -5.29 9.86
C TYR C 39 -20.23 -5.54 8.39
N LEU C 40 -19.94 -4.52 7.60
CA LEU C 40 -19.82 -4.62 6.16
C LEU C 40 -18.33 -4.62 5.77
N HIS C 41 -17.94 -5.58 4.96
CA HIS C 41 -16.60 -5.66 4.36
C HIS C 41 -16.78 -5.70 2.84
N GLN C 42 -16.54 -4.57 2.21
CA GLN C 42 -16.45 -4.47 0.76
C GLN C 42 -14.99 -4.48 0.29
N GLU C 43 -14.79 -5.04 -0.91
CA GLU C 43 -13.47 -5.27 -1.46
C GLU C 43 -12.64 -3.99 -1.51
N GLY C 44 -11.41 -4.08 -1.01
CA GLY C 44 -10.52 -2.95 -0.98
C GLY C 44 -10.86 -1.88 0.03
N LYS C 45 -11.75 -2.15 0.97
CA LYS C 45 -12.09 -1.18 1.99
C LYS C 45 -11.88 -1.81 3.36
N ALA C 46 -12.03 -1.02 4.36
CA ALA C 46 -11.92 -1.43 5.75
C ALA C 46 -13.27 -1.92 6.27
N PRO C 47 -13.33 -3.11 6.86
CA PRO C 47 -14.55 -3.53 7.55
C PRO C 47 -15.04 -2.45 8.49
N GLN C 48 -16.34 -2.19 8.45
CA GLN C 48 -16.92 -1.15 9.27
C GLN C 48 -18.23 -1.61 9.88
N ARG C 49 -18.44 -1.23 11.13
CA ARG C 49 -19.65 -1.57 11.84
C ARG C 49 -20.81 -0.75 11.31
N LEU C 50 -21.89 -1.43 10.90
CA LEU C 50 -23.11 -0.80 10.44
C LEU C 50 -24.07 -0.46 11.59
N LEU C 51 -24.19 -1.37 12.55
CA LEU C 51 -25.10 -1.22 13.67
C LEU C 51 -24.76 -2.33 14.67
N TYR C 52 -25.40 -2.28 15.82
CA TYR C 52 -25.39 -3.40 16.76
C TYR C 52 -26.75 -3.56 17.40
N TYR C 53 -26.98 -4.77 17.88
CA TYR C 53 -28.23 -5.20 18.46
C TYR C 53 -28.02 -5.51 19.93
N ASP C 54 -28.86 -4.89 20.76
CA ASP C 54 -28.99 -5.18 22.18
C ASP C 54 -30.11 -6.20 22.33
N SER C 55 -29.75 -7.44 22.62
CA SER C 55 -30.76 -8.49 22.64
C SER C 55 -31.55 -8.49 23.93
N TYR C 56 -31.10 -7.78 24.95
CA TYR C 56 -31.85 -7.74 26.18
C TYR C 56 -33.03 -6.78 26.10
N ASN C 57 -32.87 -5.67 25.40
CA ASN C 57 -33.92 -4.70 25.20
C ASN C 57 -34.50 -4.71 23.81
N SER C 58 -34.10 -5.64 22.96
CA SER C 58 -34.46 -5.68 21.54
C SER C 58 -34.24 -4.33 20.87
N ARG C 59 -33.03 -3.80 20.96
CA ARG C 59 -32.79 -2.49 20.42
C ARG C 59 -31.72 -2.51 19.33
N VAL C 60 -32.03 -1.90 18.19
CA VAL C 60 -31.10 -1.74 17.09
C VAL C 60 -30.51 -0.34 17.17
N VAL C 61 -29.19 -0.27 17.25
CA VAL C 61 -28.46 1.00 17.32
C VAL C 61 -27.62 1.13 16.06
N LEU C 62 -27.92 2.15 15.26
CA LEU C 62 -27.25 2.40 14.00
C LEU C 62 -26.09 3.35 14.19
N GLU C 63 -25.05 3.14 13.40
CA GLU C 63 -24.00 4.15 13.28
C GLU C 63 -24.53 5.39 12.58
N SER C 64 -23.79 6.47 12.67
CA SER C 64 -24.21 7.71 12.05
C SER C 64 -24.22 7.57 10.52
N GLY C 65 -25.12 8.30 9.88
CA GLY C 65 -25.13 8.36 8.44
C GLY C 65 -25.88 7.23 7.74
N ILE C 66 -26.67 6.46 8.46
CA ILE C 66 -27.28 5.26 7.91
C ILE C 66 -28.80 5.39 8.00
N SER C 67 -29.49 5.02 6.93
CA SER C 67 -30.95 5.13 6.92
C SER C 67 -31.57 4.26 7.99
N ARG C 68 -32.60 4.80 8.64
CA ARG C 68 -33.34 4.00 9.59
C ARG C 68 -34.21 2.95 8.92
N GLU C 69 -34.31 3.00 7.60
CA GLU C 69 -35.21 2.14 6.85
C GLU C 69 -34.50 1.08 6.02
N LYS C 70 -33.18 1.00 6.11
CA LYS C 70 -32.38 0.09 5.30
C LYS C 70 -32.10 -1.24 5.98
N TYR C 71 -31.62 -1.21 7.23
CA TYR C 71 -31.17 -2.42 7.91
C TYR C 71 -32.04 -2.74 9.11
N HIS C 72 -32.08 -4.02 9.44
CA HIS C 72 -32.70 -4.41 10.69
C HIS C 72 -32.17 -5.77 11.07
N THR C 73 -32.32 -6.12 12.34
CA THR C 73 -31.75 -7.36 12.84
C THR C 73 -32.60 -7.77 14.04
N TYR C 74 -32.79 -9.08 14.21
CA TYR C 74 -33.64 -9.60 15.26
C TYR C 74 -33.28 -11.06 15.48
N ALA C 75 -33.64 -11.57 16.64
CA ALA C 75 -33.28 -12.95 16.95
C ALA C 75 -34.27 -13.91 16.31
N SER C 76 -33.83 -15.17 16.20
CA SER C 76 -34.64 -16.25 15.67
C SER C 76 -34.38 -17.50 16.49
N THR C 77 -34.52 -18.67 15.87
CA THR C 77 -34.27 -19.92 16.57
C THR C 77 -32.90 -19.90 17.22
N GLY C 78 -32.89 -19.96 18.55
CA GLY C 78 -31.66 -20.15 19.30
C GLY C 78 -30.64 -19.06 19.07
N LYS C 79 -29.42 -19.50 18.76
CA LYS C 79 -28.26 -18.65 18.58
C LYS C 79 -28.19 -18.00 17.20
N SER C 80 -29.15 -18.28 16.32
CA SER C 80 -29.23 -17.64 15.00
C SER C 80 -29.94 -16.30 15.14
N LEU C 81 -29.19 -15.22 14.96
CA LEU C 81 -29.73 -13.88 14.76
C LEU C 81 -29.88 -13.63 13.27
N LYS C 82 -30.70 -12.66 12.89
CA LYS C 82 -30.96 -12.41 11.48
C LYS C 82 -30.80 -10.95 11.14
N PHE C 83 -30.24 -10.68 9.97
CA PHE C 83 -29.97 -9.35 9.44
C PHE C 83 -30.73 -9.21 8.13
N ILE C 84 -31.37 -8.06 7.94
CA ILE C 84 -32.24 -7.80 6.81
C ILE C 84 -31.85 -6.48 6.18
N LEU C 85 -31.76 -6.48 4.85
CA LEU C 85 -31.58 -5.26 4.07
C LEU C 85 -32.73 -5.08 3.10
N GLU C 86 -33.18 -3.83 2.94
CA GLU C 86 -34.26 -3.46 2.03
C GLU C 86 -33.76 -2.56 0.91
N ASN C 87 -34.60 -2.41 -0.10
CA ASN C 87 -34.32 -1.63 -1.31
C ASN C 87 -32.88 -1.82 -1.79
N LEU C 88 -32.53 -3.06 -2.09
CA LEU C 88 -31.16 -3.35 -2.47
C LEU C 88 -30.69 -2.46 -3.62
N ILE C 89 -29.43 -2.03 -3.56
CA ILE C 89 -28.75 -1.37 -4.66
C ILE C 89 -27.41 -2.06 -4.86
N GLU C 90 -26.68 -1.64 -5.90
CA GLU C 90 -25.39 -2.28 -6.20
C GLU C 90 -24.39 -2.09 -5.05
N ARG C 91 -24.30 -0.87 -4.50
CA ARG C 91 -23.46 -0.55 -3.36
C ARG C 91 -23.58 -1.54 -2.20
N ASP C 92 -24.66 -2.30 -2.09
CA ASP C 92 -24.84 -3.16 -0.92
C ASP C 92 -24.09 -4.47 -1.04
N SER C 93 -23.56 -4.79 -2.19
CA SER C 93 -22.80 -6.02 -2.30
C SER C 93 -21.58 -5.97 -1.40
N GLY C 94 -21.23 -7.11 -0.83
CA GLY C 94 -20.21 -7.14 0.20
C GLY C 94 -20.33 -8.37 1.06
N VAL C 95 -19.43 -8.47 2.04
CA VAL C 95 -19.42 -9.55 3.01
C VAL C 95 -19.89 -9.01 4.34
N TYR C 96 -20.92 -9.64 4.89
CA TYR C 96 -21.58 -9.19 6.12
C TYR C 96 -21.20 -10.13 7.26
N TYR C 97 -20.77 -9.54 8.37
CA TYR C 97 -20.29 -10.28 9.52
C TYR C 97 -21.09 -9.92 10.74
N CYS C 98 -21.29 -10.89 11.62
CA CYS C 98 -21.72 -10.58 12.97
C CYS C 98 -20.59 -10.94 13.92
N ALA C 99 -20.51 -10.21 15.02
CA ALA C 99 -19.40 -10.35 15.92
C ALA C 99 -19.86 -10.00 17.30
N THR C 100 -19.20 -10.56 18.29
CA THR C 100 -19.60 -10.30 19.64
C THR C 100 -18.36 -10.40 20.51
N TRP C 101 -18.19 -9.44 21.43
CA TRP C 101 -17.10 -9.46 22.38
C TRP C 101 -17.22 -10.67 23.29
N ALA C 102 -16.12 -11.38 23.48
CA ALA C 102 -16.17 -12.61 24.23
C ALA C 102 -16.16 -12.35 25.73
N SER C 103 -16.79 -13.25 26.47
CA SER C 103 -16.83 -13.14 27.92
C SER C 103 -15.55 -13.67 28.54
N SER C 104 -15.02 -14.76 28.00
CA SER C 104 -13.84 -15.40 28.56
C SER C 104 -12.64 -14.48 28.50
N ASP C 105 -12.38 -13.90 27.33
CA ASP C 105 -11.16 -13.15 27.10
C ASP C 105 -11.51 -12.05 26.11
N TRP C 106 -10.91 -10.88 26.28
CA TRP C 106 -11.33 -9.70 25.53
C TRP C 106 -11.00 -9.88 24.05
N ILE C 107 -11.83 -10.65 23.37
CA ILE C 107 -11.73 -10.91 21.94
C ILE C 107 -13.09 -10.59 21.34
N LYS C 108 -13.10 -9.88 20.23
CA LYS C 108 -14.31 -9.84 19.42
C LYS C 108 -14.30 -11.04 18.47
N THR C 109 -15.29 -11.92 18.61
CA THR C 109 -15.43 -13.10 17.79
C THR C 109 -16.32 -12.80 16.60
N PHE C 110 -15.87 -13.16 15.41
CA PHE C 110 -16.62 -13.01 14.19
C PHE C 110 -17.10 -14.39 13.76
N ALA C 111 -18.31 -14.44 13.24
CA ALA C 111 -18.80 -15.64 12.60
C ALA C 111 -18.43 -15.60 11.12
N LYS C 112 -18.46 -16.75 10.47
CA LYS C 112 -18.11 -16.76 9.06
C LYS C 112 -19.03 -15.82 8.30
N GLY C 113 -18.45 -14.91 7.56
CA GLY C 113 -19.22 -13.90 6.88
C GLY C 113 -20.10 -14.47 5.78
N THR C 114 -20.99 -13.63 5.28
CA THR C 114 -21.92 -14.02 4.23
C THR C 114 -21.81 -13.00 3.10
N ARG C 115 -21.55 -13.46 1.89
CA ARG C 115 -21.39 -12.57 0.75
C ARG C 115 -22.74 -12.32 0.09
N LEU C 116 -23.07 -11.04 -0.05
CA LEU C 116 -24.27 -10.56 -0.69
C LEU C 116 -23.91 -9.98 -2.04
N ILE C 117 -24.40 -10.62 -3.10
CA ILE C 117 -24.32 -10.11 -4.46
C ILE C 117 -25.68 -9.57 -4.86
N VAL C 118 -25.77 -8.30 -5.11
CA VAL C 118 -26.95 -7.76 -5.77
C VAL C 118 -26.70 -7.76 -7.27
N THR C 119 -27.78 -7.96 -8.00
CA THR C 119 -27.78 -8.08 -9.45
C THR C 119 -28.32 -6.78 -10.03
N SER C 120 -27.55 -6.17 -10.93
CA SER C 120 -27.92 -4.88 -11.49
C SER C 120 -29.26 -4.96 -12.22
N PRO C 121 -29.94 -3.82 -12.40
CA PRO C 121 -31.25 -3.85 -13.08
C PRO C 121 -31.22 -4.50 -14.47
N ASP C 122 -30.32 -4.06 -15.35
CA ASP C 122 -30.29 -4.47 -16.75
C ASP C 122 -29.90 -5.93 -16.95
N LYS C 123 -29.71 -6.70 -15.88
CA LYS C 123 -29.16 -8.04 -16.02
C LYS C 123 -30.16 -8.96 -16.72
N GLN C 124 -29.72 -9.56 -17.83
CA GLN C 124 -30.53 -10.53 -18.55
C GLN C 124 -30.68 -11.82 -17.77
N LEU C 125 -31.32 -11.76 -16.61
CA LEU C 125 -31.50 -12.94 -15.77
C LEU C 125 -32.33 -13.98 -16.49
N ALA C 127 -29.14 -15.71 -20.33
CA ALA C 127 -29.90 -16.36 -19.27
C ALA C 127 -29.20 -17.64 -18.82
N ASP C 128 -28.59 -18.35 -19.78
CA ASP C 128 -27.84 -19.56 -19.46
C ASP C 128 -26.53 -19.19 -18.79
N VAL C 129 -26.53 -19.12 -17.46
CA VAL C 129 -25.35 -18.70 -16.71
C VAL C 129 -24.82 -19.90 -15.93
N SER C 130 -25.06 -21.09 -16.44
CA SER C 130 -24.47 -22.28 -15.86
C SER C 130 -23.03 -22.43 -16.31
N PRO C 131 -22.29 -23.38 -15.73
CA PRO C 131 -20.98 -23.73 -16.28
C PRO C 131 -21.05 -23.97 -17.78
N LYS C 132 -20.07 -23.39 -18.50
CA LYS C 132 -19.88 -23.65 -19.92
C LYS C 132 -18.55 -24.39 -20.08
N PRO C 133 -18.55 -25.72 -20.01
CA PRO C 133 -17.29 -26.47 -20.01
C PRO C 133 -16.62 -26.49 -21.37
N THR C 134 -15.37 -26.96 -21.34
CA THR C 134 -14.49 -27.18 -22.48
C THR C 134 -13.27 -27.90 -21.95
N ILE C 135 -13.11 -29.17 -22.29
CA ILE C 135 -12.05 -29.98 -21.72
C ILE C 135 -10.90 -30.06 -22.71
N PHE C 136 -9.68 -30.09 -22.18
CA PHE C 136 -8.46 -30.12 -22.95
C PHE C 136 -7.70 -31.40 -22.61
N LEU C 137 -7.26 -32.10 -23.65
CA LEU C 137 -6.52 -33.35 -23.66
C LEU C 137 -5.02 -33.08 -23.68
N PRO C 138 -4.23 -33.94 -23.00
CA PRO C 138 -2.77 -33.76 -22.97
C PRO C 138 -2.14 -33.53 -24.33
N SER C 139 -0.97 -32.89 -24.32
CA SER C 139 -0.21 -32.69 -25.54
C SER C 139 0.76 -33.85 -25.75
N ILE C 140 1.23 -33.98 -26.98
CA ILE C 140 2.01 -35.16 -27.37
C ILE C 140 3.33 -35.20 -26.59
N ALA C 141 4.05 -34.08 -26.55
CA ALA C 141 5.37 -34.06 -25.93
C ALA C 141 5.30 -34.53 -24.48
N GLU C 142 4.32 -34.04 -23.72
CA GLU C 142 4.17 -34.45 -22.32
C GLU C 142 4.15 -35.97 -22.19
N THR C 143 3.15 -36.58 -22.81
CA THR C 143 2.93 -38.02 -22.69
C THR C 143 4.14 -38.80 -23.16
N LYS C 144 4.76 -38.38 -24.27
CA LYS C 144 5.93 -39.11 -24.76
C LYS C 144 7.11 -38.98 -23.81
N LEU C 145 7.33 -37.78 -23.26
CA LEU C 145 8.63 -37.41 -22.71
C LEU C 145 8.73 -37.57 -21.20
N GLN C 146 7.63 -37.63 -20.44
CA GLN C 146 7.83 -37.85 -19.02
C GLN C 146 6.85 -38.82 -18.37
N LYS C 147 6.04 -39.54 -19.15
CA LYS C 147 5.12 -40.55 -18.62
C LYS C 147 4.16 -39.93 -17.62
N ALA C 148 3.42 -38.94 -18.10
CA ALA C 148 2.38 -38.27 -17.31
C ALA C 148 1.58 -37.39 -18.26
N GLY C 149 0.35 -37.10 -17.86
CA GLY C 149 -0.52 -36.31 -18.72
C GLY C 149 -1.37 -35.30 -17.99
N THR C 150 -1.55 -34.12 -18.58
CA THR C 150 -2.34 -33.04 -17.98
C THR C 150 -3.61 -32.85 -18.78
N TYR C 151 -4.75 -33.03 -18.13
CA TYR C 151 -6.04 -32.69 -18.71
C TYR C 151 -6.55 -31.46 -17.99
N LEU C 152 -7.07 -30.49 -18.73
CA LEU C 152 -7.50 -29.23 -18.16
C LEU C 152 -8.97 -29.00 -18.46
N CYS C 153 -9.76 -28.93 -17.39
CA CYS C 153 -11.17 -28.56 -17.42
C CYS C 153 -11.31 -27.05 -17.39
N LEU C 154 -11.84 -26.45 -18.45
CA LEU C 154 -12.06 -25.01 -18.50
C LEU C 154 -13.55 -24.69 -18.45
N LEU C 155 -13.94 -23.75 -17.60
CA LEU C 155 -15.34 -23.37 -17.43
C LEU C 155 -15.51 -21.89 -17.73
N GLU C 156 -16.46 -21.55 -18.59
CA GLU C 156 -16.68 -20.15 -18.89
C GLU C 156 -18.17 -19.84 -18.88
N LYS C 157 -18.48 -18.55 -18.85
CA LYS C 157 -19.86 -18.07 -18.99
C LYS C 157 -20.75 -18.60 -17.86
N PHE C 158 -20.28 -18.44 -16.63
CA PHE C 158 -21.08 -18.77 -15.47
C PHE C 158 -21.17 -17.57 -14.55
N PHE C 159 -22.22 -17.56 -13.74
CA PHE C 159 -22.56 -16.45 -12.87
C PHE C 159 -23.16 -17.04 -11.60
N PRO C 160 -22.65 -16.65 -10.42
CA PRO C 160 -21.56 -15.75 -10.03
C PRO C 160 -20.24 -16.46 -9.77
N ASP C 161 -19.20 -15.69 -9.42
CA ASP C 161 -17.86 -16.22 -9.30
C ASP C 161 -17.78 -17.38 -8.32
N ILE C 162 -18.68 -17.44 -7.35
CA ILE C 162 -18.67 -18.57 -6.44
C ILE C 162 -18.75 -19.85 -7.27
N ILE C 163 -17.73 -20.70 -7.13
CA ILE C 163 -17.69 -21.96 -7.86
C ILE C 163 -16.70 -22.86 -7.13
N LYS C 164 -16.93 -24.16 -7.21
CA LYS C 164 -15.96 -25.09 -6.63
C LYS C 164 -15.74 -26.22 -7.62
N ILE C 165 -14.49 -26.67 -7.73
CA ILE C 165 -14.13 -27.73 -8.67
C ILE C 165 -13.24 -28.74 -7.99
N HIS C 166 -13.62 -30.01 -8.09
CA HIS C 166 -12.85 -31.15 -7.64
C HIS C 166 -12.58 -32.05 -8.84
N TRP C 167 -11.94 -33.19 -8.57
CA TRP C 167 -11.43 -34.03 -9.64
C TRP C 167 -11.16 -35.42 -9.06
N GLN C 168 -11.63 -36.47 -9.75
CA GLN C 168 -11.34 -37.82 -9.27
C GLN C 168 -11.34 -38.80 -10.44
N GLU C 169 -10.82 -40.01 -10.18
CA GLU C 169 -10.69 -41.02 -11.23
C GLU C 169 -12.05 -41.53 -11.72
N GLY C 177 -5.48 -34.37 -5.57
CA GLY C 177 -4.97 -33.02 -5.45
C GLY C 177 -4.86 -32.29 -6.78
N SER C 178 -5.33 -31.04 -6.80
CA SER C 178 -5.36 -30.25 -8.03
C SER C 178 -5.08 -28.78 -7.76
N GLN C 179 -4.64 -28.10 -8.81
CA GLN C 179 -4.55 -26.64 -8.79
C GLN C 179 -5.48 -26.05 -9.83
N GLU C 180 -5.78 -24.77 -9.65
CA GLU C 180 -6.73 -24.07 -10.49
C GLU C 180 -6.25 -22.64 -10.65
N GLY C 181 -6.87 -21.94 -11.59
CA GLY C 181 -6.65 -20.51 -11.73
C GLY C 181 -7.63 -19.72 -10.89
N ASN C 182 -7.50 -18.41 -10.99
CA ASN C 182 -8.45 -17.51 -10.37
C ASN C 182 -9.58 -17.24 -11.34
N THR C 183 -10.81 -17.25 -10.85
CA THR C 183 -11.91 -16.85 -11.71
C THR C 183 -11.65 -15.42 -12.20
N MET C 184 -11.89 -15.18 -13.48
CA MET C 184 -11.75 -13.84 -14.02
C MET C 184 -12.99 -13.45 -14.84
N LYS C 185 -13.09 -12.15 -15.10
CA LYS C 185 -14.31 -11.50 -15.58
C LYS C 185 -14.33 -11.44 -17.10
N THR C 186 -14.90 -12.47 -17.71
CA THR C 186 -15.23 -12.46 -19.14
C THR C 186 -16.48 -11.62 -19.32
N ASN C 187 -16.29 -10.33 -19.62
CA ASN C 187 -17.41 -9.39 -19.80
C ASN C 187 -18.22 -9.42 -18.51
N ASP C 188 -19.53 -9.64 -18.54
CA ASP C 188 -20.24 -9.84 -17.30
C ASP C 188 -20.70 -11.27 -17.16
N THR C 189 -19.74 -12.18 -17.26
CA THR C 189 -19.82 -13.51 -16.65
C THR C 189 -18.37 -13.90 -16.38
N TYR C 190 -18.14 -15.09 -15.86
CA TYR C 190 -16.80 -15.42 -15.39
C TYR C 190 -16.31 -16.74 -15.93
N MET C 191 -15.00 -16.94 -15.75
CA MET C 191 -14.33 -18.15 -16.20
C MET C 191 -13.36 -18.61 -15.12
N LYS C 192 -13.19 -19.92 -15.01
CA LYS C 192 -12.13 -20.50 -14.21
C LYS C 192 -11.75 -21.84 -14.81
N PHE C 193 -10.45 -22.12 -14.90
CA PHE C 193 -9.98 -23.41 -15.36
C PHE C 193 -9.24 -24.12 -14.24
N SER C 194 -9.09 -25.42 -14.42
CA SER C 194 -8.47 -26.28 -13.43
C SER C 194 -7.86 -27.45 -14.18
N TRP C 195 -6.63 -27.79 -13.86
CA TRP C 195 -5.89 -28.79 -14.63
C TRP C 195 -5.38 -29.86 -13.69
N LEU C 196 -5.04 -31.02 -14.26
CA LEU C 196 -4.32 -32.09 -13.55
C LEU C 196 -3.29 -32.77 -14.40
N THR C 197 -2.37 -33.42 -13.70
CA THR C 197 -1.39 -34.33 -14.27
C THR C 197 -1.51 -35.66 -13.53
N VAL C 198 -1.80 -36.72 -14.28
CA VAL C 198 -1.81 -38.06 -13.71
C VAL C 198 -0.59 -38.81 -14.24
N GLU C 201 0.54 -44.33 -15.10
CA GLU C 201 -0.22 -45.44 -14.54
C GLU C 201 -1.72 -45.22 -14.72
N SER C 202 -2.18 -44.01 -14.42
CA SER C 202 -3.59 -43.66 -14.55
C SER C 202 -3.90 -42.97 -15.88
N LEU C 203 -3.07 -43.18 -16.90
CA LEU C 203 -3.26 -42.52 -18.19
C LEU C 203 -4.28 -43.23 -19.07
N ASP C 204 -4.49 -44.53 -18.86
CA ASP C 204 -5.59 -45.22 -19.55
C ASP C 204 -6.92 -44.91 -18.90
N LYS C 205 -6.94 -44.67 -17.58
CA LYS C 205 -8.17 -44.36 -16.86
C LYS C 205 -8.78 -43.05 -17.36
N GLU C 206 -9.91 -42.66 -16.76
CA GLU C 206 -10.55 -41.41 -17.11
C GLU C 206 -11.01 -40.73 -15.83
N HIS C 207 -11.09 -39.40 -15.87
CA HIS C 207 -11.30 -38.61 -14.67
C HIS C 207 -12.52 -37.71 -14.83
N ARG C 208 -13.09 -37.36 -13.70
CA ARG C 208 -14.28 -36.52 -13.61
C ARG C 208 -13.91 -35.19 -12.98
N CYS C 209 -14.38 -34.12 -13.63
CA CYS C 209 -14.27 -32.74 -13.18
C CYS C 209 -15.61 -32.37 -12.53
N ILE C 210 -15.61 -32.23 -11.21
CA ILE C 210 -16.84 -32.12 -10.42
C ILE C 210 -17.03 -30.66 -10.01
N VAL C 211 -18.04 -30.01 -10.58
CA VAL C 211 -18.24 -28.57 -10.40
C VAL C 211 -19.50 -28.33 -9.60
N ARG C 212 -19.35 -27.69 -8.44
CA ARG C 212 -20.49 -27.20 -7.66
C ARG C 212 -20.68 -25.72 -7.96
N HIS C 213 -21.87 -25.37 -8.41
CA HIS C 213 -22.24 -24.00 -8.73
C HIS C 213 -23.74 -23.86 -8.48
N GLU C 214 -24.18 -22.71 -7.99
CA GLU C 214 -25.57 -22.58 -7.56
C GLU C 214 -26.53 -22.62 -8.73
N ASN C 215 -26.14 -22.12 -9.90
CA ASN C 215 -27.00 -22.11 -11.08
C ASN C 215 -26.71 -23.27 -12.01
N ASN C 216 -26.40 -24.45 -11.48
CA ASN C 216 -26.23 -25.63 -12.31
C ASN C 216 -27.56 -26.07 -12.93
N GLY C 219 -29.47 -27.75 -10.11
CA GLY C 219 -28.87 -27.34 -8.84
C GLY C 219 -27.98 -28.42 -8.26
N ILE C 220 -27.63 -29.40 -9.09
CA ILE C 220 -26.79 -30.51 -8.67
C ILE C 220 -25.40 -30.34 -9.30
N ASP C 221 -24.41 -30.99 -8.68
CA ASP C 221 -23.05 -30.90 -9.16
C ASP C 221 -22.92 -31.43 -10.59
N GLN C 222 -22.07 -30.77 -11.38
CA GLN C 222 -21.70 -31.28 -12.69
C GLN C 222 -20.58 -32.31 -12.57
N GLU C 223 -20.67 -33.36 -13.38
CA GLU C 223 -19.62 -34.37 -13.49
C GLU C 223 -19.17 -34.41 -14.94
N ILE C 224 -17.97 -33.90 -15.22
CA ILE C 224 -17.45 -33.80 -16.57
C ILE C 224 -16.51 -34.97 -16.82
N ILE C 225 -16.73 -35.66 -17.93
CA ILE C 225 -15.96 -36.85 -18.28
C ILE C 225 -14.70 -36.43 -19.02
N PHE C 226 -13.62 -37.17 -18.78
CA PHE C 226 -12.39 -36.98 -19.52
C PHE C 226 -12.13 -38.20 -20.40
N PRO C 227 -11.69 -38.00 -21.64
CA PRO C 227 -11.21 -39.10 -22.48
C PRO C 227 -10.19 -39.98 -21.77
N PRO C 228 -9.73 -41.03 -22.45
CA PRO C 228 -8.42 -41.60 -22.12
C PRO C 228 -7.36 -40.99 -23.01
N ILE C 229 -6.11 -41.07 -22.55
CA ILE C 229 -5.02 -40.44 -23.29
C ILE C 229 -4.28 -41.48 -24.11
#